data_7EJ0
#
_entry.id   7EJ0
#
_cell.length_a   1.00
_cell.length_b   1.00
_cell.length_c   1.00
_cell.angle_alpha   90.00
_cell.angle_beta   90.00
_cell.angle_gamma   90.00
#
_symmetry.space_group_name_H-M   'P 1'
#
loop_
_entity.id
_entity.type
_entity.pdbx_description
1 polymer 'Guanine nucleotide-binding protein G(o) subunit alpha'
2 polymer 'Guanine nucleotide-binding protein G(I)/G(S)/G(T) subunit beta-1'
3 polymer 'Guanine nucleotide-binding protein G(I)/G(S)/G(O) subunit gamma-2'
4 polymer scFv16
5 polymer 'Alpha-2A adrenergic receptor'
6 non-polymer Noradrenaline
#
loop_
_entity_poly.entity_id
_entity_poly.type
_entity_poly.pdbx_seq_one_letter_code
_entity_poly.pdbx_strand_id
1 'polypeptide(L)'
;MGCTLSAEERAALERSKAIEKNLKEDGISAAKDVKLLLLGAGESGKSTIVKQMKIIHEDGFSGEDVKQYKPVVYSNTIQS
LAAIVRAMDTLGIEYGDKERKADAKMVCDVVSRMEDTEPFSAELLSAMMRLWGDSGIQECFNRSREYQLNDSAKYYLDSL
DRIGAADYQPTEQDILRTRVKTTGIVETHFTFKNLHFRLFDVGGQRSERKKWIHCFEDVTAIIFCVALSGYDQVLHEDET
TNRMHESLMLFDSICNNKFFIDTSIILFLNKKDLFGEKIKKSPLTICFPEYTGPNTYEDAAAYIQAQFESKNRSPNKEIY
CHMTCATDTNNIQVVFDAVTDIIIANNLRGCGLY
;
A
2 'polypeptide(L)'
;HHHHHHGSSGSELDQLRQEAEQLKNQIRDARKACADATLSQITNNIDPVGRIQMRTRRTLRGHLAKIYAMHWGTDSRLLV
SASQDGKLIIWDSYTTNKVHAIPLRSSWVMTCAYAPSGNYVACGGLDNICSIYNLKTREGNVRVSRELAGHTGYLSCCRF
LDDNQIVTSSGDTTCALWDIETGQQTTTFTGHTGDVMSLSLAPDTRLFVSGACDASAKLWDVREGMCRQTFTGHESDINA
ICFFPNGNAFATGSDDATCRLFDLRADQELMTYSHDNIICGITSVSFSKSGRLLLAGYDDFNCNVWDALKADRAGVLAGH
DNRVSCLGVTDDGMAVATGSWDSFLKIWN
;
B
3 'polypeptide(L)' MASNNTASIAQARKLVEQLKMEANIDRIKVSKAAADLMAYCEAHAKEDPLLTPVPASENPFREKKFFCAIL G
4 'polypeptide(L)'
;MLLVNQSHQGFNKEHTSKMVSAIVLYVLLAAAAHSAFADVQLVESGGGLVQPGGSRKLSCSASGFAFSSFGMHWVRQAPE
KGLEWVAYISSGSGTIYYADTVKGRFTISRDDPKNTLFLQMTSLRSEDTAMYYCVRSIYYYGSSPFDFWGQGTTLTVSSG
GGGSGGGGSGGGGSDIVMTQATSSVPVTPGESVSISCRSSKSLLHSNGNTYLYWFLQRPGQSPQLLIYRMSNLASGVPDR
FSGSGSGTAFTLTISRLEAEDVGVYYCMQHLEYPLTFGAGTKLELKGSLEVLFQGPAAAHHHHHHHH
;
H
5 'polypeptide(L)'
;MFRQEQPLAEGSFAPMGSLQPDAGNASWNGTEAPGGGARATPYSLQVTLTLVCLAGLLMLLTVFGNVLVIIAVFTSRALK
APQNLFLVSLASADILVATLVIPFSLANEVMGYWYFGKAWCEIYLALDVLFCTSSIVHLCAISLDRYWSITQAIEYNLKR
TPRRIKAIIITVWVISAVISFPPLISIEKKGGGGGPQPAEPRCEINDQKWYVISSCIGSFFAPCLIMILVYVRIYQIAKR
RTRVPPSRRGPDAVAAPPGGTERRPNGLGPERSAGPGGAEAEPLPTQLNGAPGEPAPAGPRDTDALDLEESSSSDHAERP
PGPRRPERGPRGKGKARASQVKPGDSLPRRGPGATGIGTPAAGPGEERVGAAKASRWRGRQNREKRFTFVLAVVIGVFVV
CWFPFFFTYTLTAVGCSVPRTLFKFFFWFGYCNSSLNPVIYTIFNHDFRRAFKKILCRGDRKRIV
;
R
#
loop_
_chem_comp.id
_chem_comp.type
_chem_comp.name
_chem_comp.formula
E5E non-polymer Noradrenaline 'C8 H12 N O3 1'
#
# COMPACT_ATOMS: atom_id res chain seq x y z
N THR A 4 -10.81 26.98 4.55
CA THR A 4 -11.02 26.57 3.16
C THR A 4 -9.72 26.66 2.37
N LEU A 5 -9.63 25.84 1.32
CA LEU A 5 -8.45 25.83 0.45
C LEU A 5 -8.79 26.18 -1.00
N SER A 6 -9.77 25.49 -1.60
CA SER A 6 -10.16 25.75 -2.98
C SER A 6 -11.45 25.02 -3.31
N ALA A 7 -11.86 25.07 -4.58
CA ALA A 7 -13.09 24.42 -5.02
C ALA A 7 -12.82 23.04 -5.60
N GLU A 8 -11.93 22.95 -6.60
CA GLU A 8 -11.65 21.67 -7.24
C GLU A 8 -10.93 20.71 -6.30
N GLU A 9 -10.08 21.24 -5.41
CA GLU A 9 -9.35 20.37 -4.49
C GLU A 9 -10.28 19.64 -3.53
N ARG A 10 -11.41 20.25 -3.16
CA ARG A 10 -12.39 19.56 -2.34
C ARG A 10 -12.97 18.36 -3.08
N ALA A 11 -13.30 18.52 -4.36
CA ALA A 11 -13.79 17.41 -5.14
C ALA A 11 -12.73 16.32 -5.30
N ALA A 12 -11.46 16.74 -5.50
CA ALA A 12 -10.38 15.77 -5.60
C ALA A 12 -10.23 14.97 -4.30
N LEU A 13 -10.34 15.65 -3.16
CA LEU A 13 -10.26 14.97 -1.87
C LEU A 13 -11.43 14.01 -1.69
N GLU A 14 -12.63 14.42 -2.12
CA GLU A 14 -13.78 13.54 -2.03
C GLU A 14 -13.58 12.28 -2.88
N ARG A 15 -13.06 12.45 -4.10
CA ARG A 15 -12.76 11.31 -4.94
C ARG A 15 -11.71 10.41 -4.31
N SER A 16 -10.70 11.01 -3.68
CA SER A 16 -9.67 10.24 -3.00
C SER A 16 -10.25 9.42 -1.86
N LYS A 17 -11.15 10.02 -1.06
CA LYS A 17 -11.79 9.25 0.01
C LYS A 17 -12.67 8.14 -0.55
N ALA A 18 -13.37 8.41 -1.65
CA ALA A 18 -14.22 7.37 -2.25
C ALA A 18 -13.39 6.18 -2.71
N ILE A 19 -12.28 6.45 -3.42
CA ILE A 19 -11.46 5.34 -3.89
C ILE A 19 -10.73 4.68 -2.72
N GLU A 20 -10.44 5.42 -1.65
CA GLU A 20 -9.89 4.81 -0.44
C GLU A 20 -10.88 3.82 0.16
N LYS A 21 -12.16 4.20 0.25
CA LYS A 21 -13.17 3.29 0.76
C LYS A 21 -13.32 2.07 -0.13
N ASN A 22 -13.28 2.28 -1.45
CA ASN A 22 -13.37 1.15 -2.37
C ASN A 22 -12.18 0.19 -2.19
N LEU A 23 -10.98 0.75 -2.05
CA LEU A 23 -9.79 -0.08 -1.84
C LEU A 23 -9.88 -0.85 -0.53
N LYS A 24 -10.33 -0.19 0.54
CA LYS A 24 -10.47 -0.86 1.83
C LYS A 24 -11.49 -2.00 1.75
N GLU A 25 -12.62 -1.75 1.08
CA GLU A 25 -13.63 -2.80 0.93
C GLU A 25 -13.09 -3.98 0.14
N ASP A 26 -12.36 -3.70 -0.96
CA ASP A 26 -11.79 -4.79 -1.75
C ASP A 26 -10.78 -5.57 -0.91
N GLY A 27 -9.95 -4.87 -0.14
CA GLY A 27 -8.96 -5.55 0.68
C GLY A 27 -9.58 -6.43 1.75
N ILE A 28 -10.61 -5.92 2.43
CA ILE A 28 -11.26 -6.70 3.47
C ILE A 28 -11.99 -7.90 2.86
N SER A 29 -12.53 -7.73 1.65
CA SER A 29 -13.14 -8.85 0.95
C SER A 29 -12.10 -9.91 0.60
N ALA A 30 -10.90 -9.49 0.18
CA ALA A 30 -9.88 -10.42 -0.26
C ALA A 30 -9.04 -10.98 0.88
N ALA A 31 -9.21 -10.47 2.10
CA ALA A 31 -8.43 -10.92 3.25
C ALA A 31 -9.04 -12.12 3.95
N LYS A 32 -10.21 -12.58 3.52
CA LYS A 32 -10.87 -13.73 4.15
C LYS A 32 -10.46 -15.06 3.54
N ASP A 33 -9.87 -15.03 2.36
CA ASP A 33 -9.50 -16.27 1.68
C ASP A 33 -8.17 -16.80 2.20
N VAL A 34 -7.93 -18.08 1.94
CA VAL A 34 -6.71 -18.75 2.37
C VAL A 34 -5.91 -19.19 1.16
N LYS A 35 -4.58 -19.03 1.26
CA LYS A 35 -3.65 -19.29 0.18
C LYS A 35 -2.70 -20.42 0.55
N LEU A 36 -2.42 -21.28 -0.42
CA LEU A 36 -1.53 -22.42 -0.23
C LEU A 36 -0.47 -22.42 -1.32
N LEU A 37 0.73 -22.85 -0.97
CA LEU A 37 1.83 -22.96 -1.93
C LEU A 37 2.20 -24.43 -2.10
N LEU A 38 2.10 -24.92 -3.34
CA LEU A 38 2.46 -26.31 -3.65
C LEU A 38 3.86 -26.31 -4.25
N LEU A 39 4.77 -27.04 -3.62
CA LEU A 39 6.14 -27.19 -4.11
C LEU A 39 6.48 -28.67 -4.16
N GLY A 40 7.18 -29.07 -5.21
CA GLY A 40 7.56 -30.47 -5.38
C GLY A 40 8.94 -30.66 -5.97
N ALA A 41 9.16 -31.80 -6.59
CA ALA A 41 10.46 -32.13 -7.19
C ALA A 41 10.22 -32.89 -8.48
N GLY A 42 11.29 -33.45 -9.05
CA GLY A 42 11.20 -34.20 -10.28
C GLY A 42 10.33 -35.44 -10.20
N GLU A 43 9.41 -35.59 -11.15
CA GLU A 43 8.50 -36.73 -11.22
C GLU A 43 7.72 -36.90 -9.91
N SER A 44 7.11 -35.81 -9.46
CA SER A 44 6.26 -35.82 -8.28
C SER A 44 4.81 -36.00 -8.71
N GLY A 45 3.89 -35.87 -7.76
CA GLY A 45 2.48 -36.06 -8.05
C GLY A 45 1.75 -34.79 -8.41
N LYS A 46 2.38 -33.93 -9.23
CA LYS A 46 1.75 -32.68 -9.63
C LYS A 46 0.46 -32.94 -10.38
N SER A 47 0.49 -33.85 -11.36
CA SER A 47 -0.70 -34.15 -12.14
C SER A 47 -1.82 -34.72 -11.28
N THR A 48 -1.47 -35.61 -10.34
CA THR A 48 -2.47 -36.21 -9.48
C THR A 48 -3.14 -35.16 -8.60
N ILE A 49 -2.34 -34.28 -7.99
CA ILE A 49 -2.91 -33.24 -7.13
C ILE A 49 -3.76 -32.28 -7.94
N VAL A 50 -3.29 -31.90 -9.14
CA VAL A 50 -4.07 -30.98 -9.98
C VAL A 50 -5.40 -31.60 -10.39
N LYS A 51 -5.39 -32.87 -10.80
CA LYS A 51 -6.61 -33.52 -11.26
C LYS A 51 -7.53 -33.91 -10.11
N GLN A 52 -7.01 -34.01 -8.89
CA GLN A 52 -7.81 -34.39 -7.73
C GLN A 52 -8.27 -33.19 -6.93
N MET A 53 -8.35 -32.01 -7.54
CA MET A 53 -8.81 -30.81 -6.86
C MET A 53 -10.26 -30.94 -6.42
N LYS A 54 -11.07 -31.62 -7.22
CA LYS A 54 -12.45 -31.92 -6.82
C LYS A 54 -12.64 -33.43 -6.69
N THR A 182 0.26 -19.75 -19.31
CA THR A 182 1.19 -20.05 -20.39
C THR A 182 2.63 -19.72 -19.98
N THR A 183 3.42 -20.77 -19.77
CA THR A 183 4.83 -20.70 -19.38
C THR A 183 5.06 -19.91 -18.10
N GLY A 184 4.05 -19.80 -17.25
CA GLY A 184 4.20 -19.07 -16.00
C GLY A 184 3.64 -19.82 -14.80
N ILE A 185 3.38 -19.09 -13.71
CA ILE A 185 2.82 -19.71 -12.52
C ILE A 185 1.33 -19.95 -12.72
N VAL A 186 0.83 -21.05 -12.19
CA VAL A 186 -0.57 -21.44 -12.33
C VAL A 186 -1.27 -21.20 -11.00
N GLU A 187 -2.42 -20.52 -11.06
CA GLU A 187 -3.22 -20.22 -9.89
C GLU A 187 -4.55 -20.97 -10.01
N THR A 188 -4.90 -21.73 -8.98
CA THR A 188 -6.14 -22.49 -8.98
C THR A 188 -6.97 -22.12 -7.75
N HIS A 189 -8.16 -21.59 -7.97
CA HIS A 189 -9.05 -21.20 -6.88
C HIS A 189 -10.27 -22.12 -6.88
N PHE A 190 -10.58 -22.68 -5.71
CA PHE A 190 -11.73 -23.57 -5.62
C PHE A 190 -12.40 -23.43 -4.27
N THR A 191 -13.70 -23.71 -4.25
CA THR A 191 -14.54 -23.56 -3.07
C THR A 191 -14.86 -24.94 -2.49
N PHE A 192 -14.70 -25.08 -1.17
CA PHE A 192 -15.02 -26.33 -0.49
C PHE A 192 -15.45 -25.99 0.94
N LYS A 193 -16.74 -26.12 1.22
CA LYS A 193 -17.31 -25.88 2.54
C LYS A 193 -16.99 -24.48 3.04
N ASN A 194 -17.49 -23.49 2.28
CA ASN A 194 -17.38 -22.07 2.62
C ASN A 194 -15.93 -21.63 2.78
N LEU A 195 -15.03 -22.20 2.00
CA LEU A 195 -13.62 -21.81 1.99
C LEU A 195 -13.14 -21.70 0.56
N HIS A 196 -12.54 -20.56 0.23
CA HIS A 196 -12.01 -20.31 -1.11
C HIS A 196 -10.50 -20.52 -1.07
N PHE A 197 -10.08 -21.75 -1.35
CA PHE A 197 -8.66 -22.07 -1.40
C PHE A 197 -8.04 -21.50 -2.66
N ARG A 198 -6.92 -20.80 -2.51
CA ARG A 198 -6.14 -20.27 -3.64
C ARG A 198 -4.80 -20.98 -3.62
N LEU A 199 -4.61 -21.93 -4.53
CA LEU A 199 -3.42 -22.76 -4.59
C LEU A 199 -2.50 -22.25 -5.69
N PHE A 200 -1.24 -21.99 -5.34
CA PHE A 200 -0.24 -21.54 -6.28
C PHE A 200 0.88 -22.57 -6.38
N ASP A 201 1.19 -23.00 -7.60
CA ASP A 201 2.29 -23.92 -7.85
C ASP A 201 3.24 -23.28 -8.85
N VAL A 202 4.53 -23.41 -8.58
CA VAL A 202 5.58 -22.82 -9.41
C VAL A 202 6.43 -23.96 -9.95
N GLY A 203 6.11 -24.42 -11.15
CA GLY A 203 6.86 -25.49 -11.78
C GLY A 203 7.54 -25.07 -13.06
N GLY A 204 6.96 -24.08 -13.75
CA GLY A 204 7.52 -23.62 -15.00
C GLY A 204 8.70 -22.68 -14.86
N GLN A 205 8.92 -22.14 -13.67
CA GLN A 205 10.05 -21.25 -13.45
C GLN A 205 11.37 -22.01 -13.56
N ARG A 206 12.35 -21.37 -14.19
CA ARG A 206 13.67 -21.97 -14.38
C ARG A 206 14.77 -21.26 -13.60
N SER A 207 14.47 -20.15 -12.92
CA SER A 207 15.47 -19.43 -12.16
C SER A 207 15.72 -20.14 -10.83
N GLU A 208 16.63 -19.59 -10.03
CA GLU A 208 16.96 -20.14 -8.74
C GLU A 208 15.85 -19.86 -7.74
N ARG A 209 15.50 -20.87 -6.94
CA ARG A 209 14.39 -20.71 -6.00
C ARG A 209 14.79 -19.83 -4.82
N LYS A 210 16.09 -19.52 -4.67
CA LYS A 210 16.51 -18.65 -3.58
C LYS A 210 15.94 -17.24 -3.77
N LYS A 211 15.68 -16.85 -5.02
CA LYS A 211 15.01 -15.60 -5.29
C LYS A 211 13.50 -15.82 -5.42
N TRP A 212 12.76 -14.72 -5.38
CA TRP A 212 11.31 -14.66 -5.58
C TRP A 212 10.53 -15.54 -4.61
N ILE A 213 11.24 -16.18 -3.66
CA ILE A 213 10.57 -17.01 -2.67
C ILE A 213 9.97 -16.13 -1.57
N HIS A 214 10.54 -14.94 -1.36
CA HIS A 214 10.00 -14.02 -0.36
C HIS A 214 8.64 -13.47 -0.77
N CYS A 215 8.26 -13.59 -2.04
CA CYS A 215 6.96 -13.13 -2.47
C CYS A 215 5.82 -13.93 -1.85
N PHE A 216 6.10 -15.14 -1.37
CA PHE A 216 5.11 -16.00 -0.73
C PHE A 216 5.33 -16.11 0.77
N GLU A 217 5.92 -15.08 1.38
CA GLU A 217 6.17 -15.12 2.82
C GLU A 217 4.86 -15.20 3.61
N ASP A 218 3.85 -14.43 3.20
CA ASP A 218 2.56 -14.43 3.87
C ASP A 218 1.67 -15.47 3.20
N VAL A 219 1.92 -16.72 3.53
CA VAL A 219 1.16 -17.86 3.00
C VAL A 219 0.68 -18.70 4.17
N THR A 220 -0.53 -19.24 4.06
CA THR A 220 -1.09 -20.03 5.14
C THR A 220 -0.33 -21.33 5.34
N ALA A 221 -0.04 -22.06 4.27
CA ALA A 221 0.62 -23.36 4.38
C ALA A 221 1.23 -23.73 3.04
N ILE A 222 2.12 -24.71 3.06
CA ILE A 222 2.72 -25.25 1.85
C ILE A 222 2.50 -26.75 1.81
N ILE A 223 2.54 -27.30 0.60
CA ILE A 223 2.26 -28.71 0.34
C ILE A 223 3.44 -29.30 -0.42
N PHE A 224 3.93 -30.44 0.05
CA PHE A 224 5.10 -31.10 -0.50
C PHE A 224 4.74 -32.52 -0.93
N CYS A 225 5.29 -32.94 -2.05
CA CYS A 225 5.11 -34.30 -2.56
C CYS A 225 6.46 -34.94 -2.77
N VAL A 226 6.59 -36.21 -2.40
CA VAL A 226 7.83 -36.95 -2.47
C VAL A 226 7.56 -38.30 -3.13
N ALA A 227 8.65 -39.02 -3.43
CA ALA A 227 8.57 -40.34 -4.04
C ALA A 227 9.81 -41.14 -3.63
N LEU A 228 9.64 -42.38 -3.16
CA LEU A 228 8.39 -43.16 -2.97
C LEU A 228 7.56 -43.31 -4.25
N SER A 229 8.07 -44.09 -5.21
CA SER A 229 9.19 -45.00 -4.96
C SER A 229 10.44 -44.62 -5.74
N GLY A 230 10.77 -43.34 -5.75
CA GLY A 230 12.00 -42.90 -6.39
C GLY A 230 13.17 -42.88 -5.43
N TYR A 231 13.97 -43.95 -5.45
CA TYR A 231 15.14 -44.04 -4.59
C TYR A 231 16.37 -44.61 -5.28
N ASP A 232 16.26 -45.01 -6.55
CA ASP A 232 17.41 -45.52 -7.29
C ASP A 232 17.41 -45.00 -8.72
N GLN A 233 16.87 -43.80 -8.94
CA GLN A 233 16.75 -43.22 -10.27
C GLN A 233 17.22 -41.77 -10.23
N VAL A 234 17.66 -41.29 -11.39
CA VAL A 234 18.14 -39.91 -11.51
C VAL A 234 16.98 -38.94 -11.42
N ASN A 242 20.37 -39.96 -4.68
CA ASN A 242 19.27 -40.38 -5.55
C ASN A 242 18.10 -39.42 -5.47
N ARG A 243 16.92 -39.87 -5.93
CA ARG A 243 15.76 -39.00 -5.99
C ARG A 243 15.28 -38.61 -4.59
N MET A 244 15.09 -39.60 -3.71
CA MET A 244 14.58 -39.29 -2.38
C MET A 244 15.61 -38.51 -1.57
N HIS A 245 16.91 -38.79 -1.78
CA HIS A 245 17.94 -38.04 -1.06
C HIS A 245 17.90 -36.56 -1.44
N GLU A 246 17.79 -36.27 -2.74
CA GLU A 246 17.75 -34.88 -3.18
C GLU A 246 16.45 -34.20 -2.73
N SER A 247 15.33 -34.94 -2.78
CA SER A 247 14.08 -34.36 -2.31
C SER A 247 14.14 -34.03 -0.82
N LEU A 248 14.71 -34.93 -0.02
CA LEU A 248 14.86 -34.68 1.41
C LEU A 248 15.79 -33.51 1.67
N MET A 249 16.88 -33.42 0.89
CA MET A 249 17.80 -32.29 1.05
C MET A 249 17.11 -30.97 0.73
N LEU A 250 16.31 -30.95 -0.34
CA LEU A 250 15.58 -29.72 -0.69
C LEU A 250 14.56 -29.37 0.39
N PHE A 251 13.87 -30.38 0.92
CA PHE A 251 12.90 -30.13 1.99
C PHE A 251 13.58 -29.56 3.23
N ASP A 252 14.73 -30.12 3.59
CA ASP A 252 15.47 -29.59 4.73
C ASP A 252 15.95 -28.16 4.46
N SER A 253 16.40 -27.89 3.24
CA SER A 253 16.88 -26.56 2.91
C SER A 253 15.77 -25.52 2.98
N ILE A 254 14.59 -25.85 2.45
CA ILE A 254 13.49 -24.88 2.47
C ILE A 254 12.89 -24.78 3.87
N CYS A 255 13.04 -25.83 4.68
CA CYS A 255 12.51 -25.79 6.04
C CYS A 255 13.40 -25.02 7.00
N ASN A 256 14.63 -24.71 6.59
CA ASN A 256 15.57 -24.03 7.48
C ASN A 256 16.18 -22.78 6.86
N ASN A 257 15.35 -21.98 6.20
CA ASN A 257 15.79 -20.70 5.65
C ASN A 257 15.43 -19.56 6.61
N LYS A 258 15.90 -18.35 6.26
CA LYS A 258 15.84 -17.23 7.19
C LYS A 258 14.39 -16.83 7.47
N PHE A 259 13.69 -16.34 6.45
CA PHE A 259 12.42 -15.65 6.67
C PHE A 259 11.19 -16.55 6.54
N PHE A 260 11.36 -17.81 6.17
CA PHE A 260 10.23 -18.71 5.96
C PHE A 260 10.32 -19.83 7.00
N ILE A 261 9.82 -19.55 8.21
CA ILE A 261 9.90 -20.48 9.32
C ILE A 261 8.54 -20.76 9.95
N ASP A 262 7.73 -19.72 10.16
CA ASP A 262 6.44 -19.88 10.84
C ASP A 262 5.34 -20.20 9.82
N THR A 263 5.60 -21.22 9.01
CA THR A 263 4.68 -21.67 7.99
C THR A 263 4.58 -23.19 8.04
N SER A 264 3.35 -23.69 8.10
CA SER A 264 3.14 -25.13 8.21
C SER A 264 3.36 -25.82 6.88
N ILE A 265 3.86 -27.06 6.96
CA ILE A 265 4.15 -27.88 5.79
C ILE A 265 3.33 -29.15 5.88
N ILE A 266 2.43 -29.36 4.93
CA ILE A 266 1.76 -30.63 4.73
C ILE A 266 2.60 -31.44 3.77
N LEU A 267 2.83 -32.71 4.08
CA LEU A 267 3.66 -33.57 3.25
C LEU A 267 2.87 -34.81 2.88
N PHE A 268 2.88 -35.15 1.60
CA PHE A 268 2.10 -36.27 1.09
C PHE A 268 3.02 -37.44 0.74
N LEU A 269 2.51 -38.65 0.93
CA LEU A 269 3.22 -39.87 0.61
C LEU A 269 2.54 -40.47 -0.62
N ASN A 270 2.94 -40.00 -1.80
CA ASN A 270 2.27 -40.37 -3.03
C ASN A 270 2.69 -41.77 -3.49
N LYS A 271 1.95 -42.30 -4.47
CA LYS A 271 2.21 -43.63 -5.02
C LYS A 271 2.19 -44.69 -3.92
N LYS A 272 1.17 -44.63 -3.05
CA LYS A 272 1.10 -45.52 -1.90
C LYS A 272 1.00 -46.98 -2.32
N ASP A 273 0.16 -47.26 -3.32
CA ASP A 273 0.03 -48.63 -3.80
C ASP A 273 1.20 -49.07 -4.67
N LEU A 274 1.97 -48.12 -5.21
CA LEU A 274 3.00 -48.47 -6.18
C LEU A 274 4.22 -49.12 -5.52
N PHE A 275 4.67 -48.57 -4.38
CA PHE A 275 5.95 -49.03 -3.85
C PHE A 275 5.85 -50.38 -3.15
N GLY A 276 4.64 -50.88 -2.91
CA GLY A 276 4.51 -52.16 -2.22
C GLY A 276 5.15 -53.29 -2.99
N GLU A 277 4.83 -53.40 -4.29
CA GLU A 277 5.43 -54.45 -5.11
C GLU A 277 6.92 -54.24 -5.28
N LYS A 278 7.35 -52.98 -5.41
CA LYS A 278 8.78 -52.70 -5.58
C LYS A 278 9.57 -53.11 -4.35
N ILE A 279 9.03 -52.85 -3.15
CA ILE A 279 9.73 -53.22 -1.93
C ILE A 279 9.62 -54.73 -1.68
N LYS A 280 8.55 -55.35 -2.20
CA LYS A 280 8.39 -56.79 -2.02
C LYS A 280 9.38 -57.56 -2.89
N LYS A 281 9.50 -57.18 -4.17
CA LYS A 281 10.33 -57.93 -5.10
C LYS A 281 11.81 -57.78 -4.81
N SER A 282 12.27 -56.55 -4.61
CA SER A 282 13.69 -56.24 -4.46
C SER A 282 13.93 -55.44 -3.19
N PRO A 283 13.93 -56.09 -2.03
CA PRO A 283 14.24 -55.40 -0.78
C PRO A 283 15.75 -55.20 -0.63
N LEU A 284 16.11 -54.12 0.07
CA LEU A 284 15.12 -53.14 0.55
C LEU A 284 15.39 -51.71 0.03
N THR A 285 16.62 -51.17 0.10
CA THR A 285 17.80 -51.77 0.71
C THR A 285 18.35 -50.99 1.92
N ILE A 286 18.63 -49.69 1.83
CA ILE A 286 18.50 -48.84 0.64
C ILE A 286 19.95 -48.41 0.37
N CYS A 287 20.19 -47.65 -0.70
CA CYS A 287 21.46 -46.94 -0.80
C CYS A 287 21.67 -46.02 0.41
N PHE A 288 20.58 -45.58 1.04
CA PHE A 288 20.61 -44.97 2.36
C PHE A 288 20.90 -46.07 3.38
N PRO A 289 22.09 -46.08 3.98
CA PRO A 289 22.49 -47.22 4.82
C PRO A 289 21.97 -47.16 6.23
N GLU A 290 22.46 -48.09 7.07
CA GLU A 290 22.18 -48.15 8.52
C GLU A 290 20.69 -48.05 8.83
N TYR A 291 19.85 -48.58 7.94
CA TYR A 291 18.43 -48.65 8.23
C TYR A 291 18.14 -49.67 9.33
N THR A 292 18.74 -50.86 9.22
CA THR A 292 18.71 -51.93 10.21
C THR A 292 17.34 -52.07 10.89
N GLY A 293 16.31 -52.26 10.05
CA GLY A 293 14.97 -52.44 10.52
C GLY A 293 14.28 -53.60 9.84
N PRO A 294 12.97 -53.78 10.12
CA PRO A 294 12.21 -54.85 9.47
C PRO A 294 11.97 -54.56 7.99
N ASN A 295 11.26 -55.44 7.29
CA ASN A 295 11.24 -55.45 5.84
C ASN A 295 10.01 -54.76 5.24
N THR A 296 8.82 -55.29 5.50
CA THR A 296 7.62 -54.84 4.81
C THR A 296 6.41 -54.86 5.74
N TYR A 297 5.51 -53.89 5.55
CA TYR A 297 5.73 -52.76 4.64
C TYR A 297 5.34 -51.44 5.29
N GLU A 298 4.46 -51.51 6.30
CA GLU A 298 4.13 -50.31 7.06
C GLU A 298 5.32 -49.81 7.84
N ASP A 299 6.26 -50.70 8.18
CA ASP A 299 7.45 -50.31 8.93
C ASP A 299 8.29 -49.32 8.13
N ALA A 300 8.51 -49.59 6.84
CA ALA A 300 9.30 -48.70 6.02
C ALA A 300 8.62 -47.34 5.85
N ALA A 301 7.30 -47.35 5.63
CA ALA A 301 6.57 -46.09 5.50
C ALA A 301 6.64 -45.28 6.78
N ALA A 302 6.49 -45.94 7.93
CA ALA A 302 6.58 -45.23 9.20
C ALA A 302 7.98 -44.67 9.42
N TYR A 303 9.02 -45.44 9.06
CA TYR A 303 10.38 -44.95 9.22
C TYR A 303 10.64 -43.74 8.33
N ILE A 304 10.16 -43.78 7.09
CA ILE A 304 10.34 -42.66 6.19
C ILE A 304 9.59 -41.43 6.70
N GLN A 305 8.37 -41.63 7.19
CA GLN A 305 7.59 -40.52 7.73
C GLN A 305 8.28 -39.90 8.94
N ALA A 306 8.82 -40.73 9.83
CA ALA A 306 9.53 -40.22 10.99
C ALA A 306 10.80 -39.47 10.58
N GLN A 307 11.52 -40.00 9.58
CA GLN A 307 12.73 -39.34 9.12
C GLN A 307 12.41 -37.98 8.50
N PHE A 308 11.33 -37.89 7.72
CA PHE A 308 10.94 -36.62 7.13
C PHE A 308 10.44 -35.66 8.20
N GLU A 309 9.76 -36.18 9.23
CA GLU A 309 9.29 -35.32 10.31
C GLU A 309 10.46 -34.73 11.10
N SER A 310 11.64 -35.34 11.00
CA SER A 310 12.82 -34.82 11.68
C SER A 310 13.31 -33.55 10.99
N LYS A 311 14.45 -33.02 11.45
CA LYS A 311 15.07 -31.80 10.96
C LYS A 311 14.23 -30.56 11.25
N ASN A 312 13.14 -30.68 12.01
CA ASN A 312 12.31 -29.54 12.40
C ASN A 312 12.93 -28.92 13.65
N ARG A 313 14.03 -28.19 13.44
CA ARG A 313 14.75 -27.58 14.56
C ARG A 313 13.89 -26.54 15.26
N SER A 314 13.17 -25.72 14.50
CA SER A 314 12.36 -24.67 15.08
C SER A 314 11.18 -25.26 15.85
N PRO A 315 10.82 -24.68 16.99
CA PRO A 315 9.64 -25.14 17.72
C PRO A 315 8.36 -24.60 17.11
N ASN A 316 7.23 -24.85 17.79
CA ASN A 316 5.91 -24.31 17.45
C ASN A 316 5.61 -24.34 15.94
N LYS A 317 5.95 -25.48 15.33
CA LYS A 317 5.74 -25.66 13.89
C LYS A 317 5.55 -27.15 13.64
N GLU A 318 4.35 -27.54 13.24
CA GLU A 318 3.99 -28.95 13.06
C GLU A 318 3.93 -29.31 11.59
N ILE A 319 4.47 -30.47 11.25
CA ILE A 319 4.45 -30.99 9.89
C ILE A 319 3.49 -32.16 9.84
N TYR A 320 2.52 -32.10 8.93
CA TYR A 320 1.51 -33.13 8.78
C TYR A 320 1.88 -34.07 7.65
N CYS A 321 1.58 -35.35 7.84
CA CYS A 321 1.90 -36.38 6.86
C CYS A 321 0.67 -37.21 6.53
N HIS A 322 0.58 -37.63 5.27
CA HIS A 322 -0.54 -38.44 4.82
C HIS A 322 -0.10 -39.22 3.59
N MET A 323 -0.68 -40.41 3.43
CA MET A 323 -0.36 -41.30 2.32
C MET A 323 -1.59 -41.54 1.48
N THR A 324 -1.46 -41.36 0.17
CA THR A 324 -2.57 -41.45 -0.77
C THR A 324 -2.24 -42.40 -1.90
N CYS A 325 -3.23 -43.22 -2.29
CA CYS A 325 -3.07 -44.13 -3.42
C CYS A 325 -3.43 -43.48 -4.75
N ALA A 326 -3.86 -42.22 -4.74
CA ALA A 326 -4.31 -41.50 -5.94
C ALA A 326 -5.47 -42.20 -6.63
N THR A 327 -6.27 -42.94 -5.87
CA THR A 327 -7.41 -43.69 -6.40
C THR A 327 -8.75 -43.12 -5.94
N ASP A 328 -8.93 -42.93 -4.63
CA ASP A 328 -10.16 -42.40 -4.08
C ASP A 328 -10.07 -40.88 -3.96
N THR A 329 -11.09 -40.27 -3.36
CA THR A 329 -11.16 -38.83 -3.18
C THR A 329 -11.26 -38.52 -1.69
N ASN A 330 -10.10 -38.39 -1.05
CA ASN A 330 -10.04 -38.05 0.37
C ASN A 330 -8.98 -37.00 0.69
N ASN A 331 -8.24 -36.51 -0.31
CA ASN A 331 -7.19 -35.53 -0.05
C ASN A 331 -7.77 -34.19 0.38
N ILE A 332 -8.92 -33.82 -0.19
CA ILE A 332 -9.53 -32.53 0.14
C ILE A 332 -9.91 -32.50 1.62
N GLN A 333 -10.39 -33.62 2.15
CA GLN A 333 -10.80 -33.65 3.55
C GLN A 333 -9.61 -33.45 4.48
N VAL A 334 -8.49 -34.13 4.20
CA VAL A 334 -7.32 -33.99 5.08
C VAL A 334 -6.72 -32.60 4.94
N VAL A 335 -6.76 -32.02 3.73
CA VAL A 335 -6.30 -30.64 3.57
C VAL A 335 -7.16 -29.68 4.38
N PHE A 336 -8.49 -29.88 4.36
CA PHE A 336 -9.37 -29.03 5.13
C PHE A 336 -9.11 -29.17 6.63
N ASP A 337 -8.90 -30.41 7.09
CA ASP A 337 -8.59 -30.62 8.51
C ASP A 337 -7.28 -29.95 8.90
N ALA A 338 -6.26 -30.07 8.05
CA ALA A 338 -5.00 -29.41 8.33
C ALA A 338 -5.17 -27.89 8.37
N VAL A 339 -5.95 -27.34 7.44
CA VAL A 339 -6.14 -25.88 7.38
C VAL A 339 -6.85 -25.39 8.63
N THR A 340 -7.90 -26.10 9.05
CA THR A 340 -8.62 -25.66 10.24
C THR A 340 -7.76 -25.83 11.50
N ASP A 341 -6.91 -26.85 11.53
CA ASP A 341 -5.98 -26.99 12.66
C ASP A 341 -5.00 -25.83 12.69
N ILE A 342 -4.49 -25.43 11.52
CA ILE A 342 -3.57 -24.30 11.45
C ILE A 342 -4.26 -23.03 11.91
N ILE A 343 -5.50 -22.81 11.48
CA ILE A 343 -6.24 -21.62 11.87
C ILE A 343 -6.47 -21.60 13.37
N ILE A 344 -6.84 -22.75 13.95
CA ILE A 344 -7.04 -22.82 15.40
C ILE A 344 -5.75 -22.53 16.14
N ALA A 345 -4.63 -23.10 15.67
CA ALA A 345 -3.34 -22.85 16.32
C ALA A 345 -2.96 -21.39 16.23
N ASN A 346 -3.34 -20.74 15.17
CA ASN A 346 -3.09 -19.34 15.20
C ASN A 346 -3.94 -18.44 16.12
N ASN A 347 -5.25 -18.57 16.07
CA ASN A 347 -6.12 -17.72 16.87
C ASN A 347 -5.82 -17.90 18.34
N LEU A 348 -5.62 -19.18 18.64
CA LEU A 348 -5.35 -19.61 19.97
C LEU A 348 -4.08 -18.85 20.20
N ARG A 349 -3.36 -18.56 19.13
CA ARG A 349 -2.22 -17.87 19.41
C ARG A 349 -2.31 -16.52 19.99
N GLY A 350 -3.33 -15.78 19.62
CA GLY A 350 -3.45 -14.41 20.06
C GLY A 350 -3.50 -14.25 21.55
N CYS A 351 -4.28 -15.07 22.21
CA CYS A 351 -4.35 -14.99 23.65
C CYS A 351 -2.98 -15.35 24.11
N GLY A 352 -2.43 -16.36 23.49
CA GLY A 352 -1.07 -16.75 23.67
C GLY A 352 -0.47 -16.82 25.04
N LEU A 353 -1.01 -17.51 26.02
CA LEU A 353 -2.14 -18.39 25.99
C LEU A 353 -2.00 -19.55 25.08
N TYR A 354 -0.95 -19.56 24.27
CA TYR A 354 -0.51 -20.72 23.49
N GLN B 15 40.93 -26.37 -25.32
CA GLN B 15 41.40 -25.50 -26.39
C GLN B 15 40.23 -24.93 -27.18
N LEU B 16 40.25 -23.63 -27.45
CA LEU B 16 41.32 -22.75 -26.98
C LEU B 16 40.95 -22.05 -25.68
N ARG B 17 40.66 -22.84 -24.64
CA ARG B 17 40.37 -22.27 -23.34
C ARG B 17 41.61 -21.57 -22.75
N GLN B 18 42.79 -22.14 -22.99
CA GLN B 18 44.02 -21.47 -22.58
C GLN B 18 44.18 -20.13 -23.26
N GLU B 19 43.77 -20.02 -24.52
CA GLU B 19 43.78 -18.72 -25.19
C GLU B 19 42.85 -17.73 -24.50
N ALA B 20 41.67 -18.19 -24.08
CA ALA B 20 40.74 -17.31 -23.36
C ALA B 20 41.33 -16.85 -22.04
N GLU B 21 41.95 -17.76 -21.28
CA GLU B 21 42.49 -17.37 -19.98
C GLU B 21 43.70 -16.47 -20.13
N GLN B 22 44.53 -16.68 -21.16
CA GLN B 22 45.66 -15.76 -21.36
C GLN B 22 45.17 -14.40 -21.87
N LEU B 23 44.08 -14.37 -22.64
CA LEU B 23 43.48 -13.08 -22.99
C LEU B 23 42.96 -12.36 -21.76
N LYS B 24 42.33 -13.10 -20.83
CA LYS B 24 41.90 -12.49 -19.58
C LYS B 24 43.10 -11.95 -18.79
N ASN B 25 44.19 -12.71 -18.74
CA ASN B 25 45.38 -12.27 -18.03
C ASN B 25 45.96 -11.00 -18.65
N GLN B 26 46.03 -10.96 -19.99
CA GLN B 26 46.61 -9.80 -20.64
C GLN B 26 45.73 -8.57 -20.51
N ILE B 27 44.40 -8.75 -20.56
CA ILE B 27 43.52 -7.60 -20.38
C ILE B 27 43.58 -7.10 -18.93
N ARG B 28 43.75 -8.02 -17.97
CA ARG B 28 43.92 -7.60 -16.58
C ARG B 28 45.23 -6.83 -16.42
N ASP B 29 46.30 -7.29 -17.05
CA ASP B 29 47.57 -6.58 -16.99
C ASP B 29 47.46 -5.19 -17.61
N ALA B 30 46.76 -5.10 -18.75
CA ALA B 30 46.55 -3.81 -19.39
C ALA B 30 45.74 -2.88 -18.49
N ARG B 31 44.71 -3.41 -17.83
CA ARG B 31 43.93 -2.60 -16.90
C ARG B 31 44.80 -2.09 -15.75
N LYS B 32 45.66 -2.96 -15.22
CA LYS B 32 46.55 -2.55 -14.13
C LYS B 32 47.53 -1.48 -14.59
N ALA B 33 48.07 -1.61 -15.80
CA ALA B 33 49.06 -0.68 -16.31
C ALA B 33 48.45 0.55 -16.98
N CYS B 34 47.12 0.64 -17.04
CA CYS B 34 46.48 1.78 -17.69
C CYS B 34 46.80 3.08 -16.98
N ALA B 35 46.73 3.10 -15.65
CA ALA B 35 46.97 4.31 -14.90
C ALA B 35 47.43 3.96 -13.49
N ASP B 36 48.04 4.94 -12.84
CA ASP B 36 48.51 4.80 -11.46
C ASP B 36 47.56 5.43 -10.46
N ALA B 37 46.40 5.90 -10.91
CA ALA B 37 45.44 6.54 -10.00
C ALA B 37 44.84 5.52 -9.05
N THR B 38 44.61 5.95 -7.81
CA THR B 38 44.00 5.09 -6.79
C THR B 38 42.82 5.73 -6.09
N LEU B 39 42.54 7.02 -6.32
CA LEU B 39 41.44 7.76 -5.71
C LEU B 39 41.52 7.80 -4.19
N SER B 40 42.69 7.51 -3.62
CA SER B 40 42.91 7.61 -2.19
C SER B 40 43.86 8.74 -1.81
N GLN B 41 44.99 8.87 -2.52
CA GLN B 41 45.87 10.01 -2.30
C GLN B 41 45.24 11.31 -2.78
N ILE B 42 44.37 11.23 -3.78
CA ILE B 42 43.64 12.38 -4.30
C ILE B 42 42.27 12.42 -3.63
N THR B 43 41.69 13.61 -3.58
CA THR B 43 40.41 13.96 -2.98
C THR B 43 40.45 13.91 -1.46
N ASN B 44 41.55 13.48 -0.84
CA ASN B 44 41.63 13.46 0.61
C ASN B 44 41.69 14.88 1.18
N ASN B 45 42.41 15.78 0.50
CA ASN B 45 42.52 17.16 0.95
C ASN B 45 41.28 17.99 0.62
N ILE B 46 40.41 17.50 -0.25
CA ILE B 46 39.18 18.23 -0.58
C ILE B 46 38.27 18.23 0.63
N ASP B 47 37.69 19.40 0.94
CA ASP B 47 36.85 19.53 2.11
C ASP B 47 35.59 18.69 1.95
N PRO B 48 35.30 17.78 2.88
CA PRO B 48 34.09 16.98 2.78
C PRO B 48 32.86 17.77 3.21
N VAL B 49 31.70 17.24 2.86
CA VAL B 49 30.44 17.86 3.23
C VAL B 49 30.07 17.45 4.65
N GLY B 50 29.30 18.31 5.32
CA GLY B 50 28.88 18.02 6.67
C GLY B 50 27.83 16.92 6.72
N ARG B 51 27.49 16.51 7.93
CA ARG B 51 26.49 15.47 8.12
C ARG B 51 25.14 15.94 7.60
N ILE B 52 24.41 15.02 6.97
CA ILE B 52 23.14 15.33 6.33
C ILE B 52 22.01 14.73 7.16
N GLN B 53 21.03 15.56 7.53
CA GLN B 53 19.91 15.13 8.34
C GLN B 53 18.62 15.23 7.54
N MET B 54 17.80 14.19 7.62
CA MET B 54 16.50 14.13 6.95
C MET B 54 15.41 13.81 7.96
N ARG B 55 14.21 14.29 7.67
CA ARG B 55 13.04 14.02 8.49
C ARG B 55 11.87 13.65 7.59
N THR B 56 10.96 12.87 8.13
CA THR B 56 9.77 12.48 7.38
C THR B 56 8.84 13.67 7.21
N ARG B 57 8.45 13.94 5.96
CA ARG B 57 7.57 15.04 5.65
C ARG B 57 6.20 14.61 5.15
N ARG B 58 6.06 13.39 4.64
CA ARG B 58 4.78 12.88 4.18
C ARG B 58 4.65 11.42 4.58
N THR B 59 3.40 10.96 4.67
CA THR B 59 3.12 9.58 5.07
C THR B 59 2.02 9.05 4.14
N LEU B 60 2.42 8.25 3.15
CA LEU B 60 1.47 7.64 2.22
C LEU B 60 1.10 6.27 2.77
N ARG B 61 -0.12 6.17 3.30
CA ARG B 61 -0.56 4.94 3.95
C ARG B 61 -1.79 4.36 3.29
N GLY B 62 -1.81 4.34 1.96
CA GLY B 62 -2.96 3.82 1.24
C GLY B 62 -2.83 2.37 0.83
N HIS B 63 -1.62 1.81 0.94
CA HIS B 63 -1.40 0.44 0.55
C HIS B 63 -1.84 -0.51 1.66
N LEU B 64 -1.90 -1.80 1.33
CA LEU B 64 -2.37 -2.81 2.27
C LEU B 64 -1.48 -4.05 2.36
N ALA B 65 -0.46 -4.17 1.53
CA ALA B 65 0.39 -5.36 1.54
C ALA B 65 1.81 -4.95 1.14
N LYS B 66 2.65 -5.93 0.86
CA LYS B 66 4.04 -5.67 0.51
C LYS B 66 4.13 -4.92 -0.81
N ILE B 67 5.14 -4.06 -0.91
CA ILE B 67 5.44 -3.32 -2.14
C ILE B 67 6.89 -3.59 -2.49
N TYR B 68 7.20 -3.53 -3.78
CA TYR B 68 8.54 -3.85 -4.28
C TYR B 68 9.25 -2.67 -4.90
N ALA B 69 8.64 -2.01 -5.89
CA ALA B 69 9.31 -0.95 -6.63
C ALA B 69 8.36 0.22 -6.82
N MET B 70 8.95 1.39 -7.07
CA MET B 70 8.20 2.60 -7.36
C MET B 70 9.03 3.48 -8.29
N HIS B 71 8.35 4.40 -8.96
CA HIS B 71 9.01 5.29 -9.91
C HIS B 71 8.46 6.70 -9.78
N TRP B 72 9.27 7.67 -10.17
CA TRP B 72 8.92 9.08 -10.13
C TRP B 72 8.57 9.55 -11.54
N GLY B 73 7.41 10.17 -11.70
CA GLY B 73 7.05 10.75 -12.97
C GLY B 73 7.74 12.07 -13.22
N THR B 74 7.62 12.54 -14.45
CA THR B 74 8.15 13.85 -14.81
C THR B 74 7.37 14.94 -14.09
N ASP B 75 8.06 16.05 -13.80
CA ASP B 75 7.66 17.26 -13.07
C ASP B 75 7.75 17.07 -11.55
N SER B 76 8.15 15.89 -11.08
CA SER B 76 8.45 15.67 -9.66
C SER B 76 7.24 15.93 -8.77
N ARG B 77 6.06 15.55 -9.22
CA ARG B 77 4.85 15.69 -8.40
C ARG B 77 4.06 14.40 -8.34
N LEU B 78 4.15 13.59 -9.39
CA LEU B 78 3.40 12.34 -9.49
C LEU B 78 4.36 11.16 -9.45
N LEU B 79 3.99 10.14 -8.66
CA LEU B 79 4.78 8.94 -8.55
C LEU B 79 3.86 7.73 -8.62
N VAL B 80 4.42 6.59 -9.02
CA VAL B 80 3.68 5.35 -9.17
C VAL B 80 4.33 4.27 -8.31
N SER B 81 3.51 3.45 -7.67
CA SER B 81 3.98 2.36 -6.83
C SER B 81 3.14 1.12 -7.09
N ALA B 82 3.75 -0.05 -6.83
CA ALA B 82 3.11 -1.33 -7.04
C ALA B 82 3.17 -2.15 -5.75
N SER B 83 2.16 -3.01 -5.57
CA SER B 83 2.05 -3.79 -4.34
C SER B 83 1.64 -5.21 -4.68
N GLN B 84 1.83 -6.10 -3.71
CA GLN B 84 1.40 -7.49 -3.86
C GLN B 84 -0.11 -7.63 -3.90
N ASP B 85 -0.85 -6.58 -3.55
CA ASP B 85 -2.31 -6.59 -3.60
C ASP B 85 -2.80 -6.43 -5.03
N GLY B 86 -1.88 -6.31 -6.00
CA GLY B 86 -2.26 -6.14 -7.39
C GLY B 86 -2.96 -4.84 -7.67
N LYS B 87 -2.43 -3.73 -7.12
CA LYS B 87 -3.00 -2.41 -7.33
C LYS B 87 -1.89 -1.41 -7.60
N LEU B 88 -2.10 -0.57 -8.61
CA LEU B 88 -1.22 0.56 -8.89
C LEU B 88 -1.89 1.84 -8.43
N ILE B 89 -1.17 2.65 -7.68
CA ILE B 89 -1.70 3.91 -7.14
C ILE B 89 -0.83 5.04 -7.68
N ILE B 90 -1.48 6.01 -8.32
CA ILE B 90 -0.79 7.19 -8.85
C ILE B 90 -0.86 8.25 -7.76
N TRP B 91 0.16 8.27 -6.91
CA TRP B 91 0.15 9.19 -5.78
C TRP B 91 0.43 10.62 -6.24
N ASP B 92 -0.03 11.57 -5.43
CA ASP B 92 0.31 12.98 -5.59
C ASP B 92 1.20 13.38 -4.43
N SER B 93 2.40 13.88 -4.75
CA SER B 93 3.40 14.14 -3.73
C SER B 93 2.96 15.22 -2.76
N TYR B 94 2.31 16.28 -3.27
CA TYR B 94 2.00 17.43 -2.44
C TYR B 94 0.74 17.21 -1.61
N THR B 95 -0.40 16.97 -2.27
CA THR B 95 -1.68 16.88 -1.59
C THR B 95 -1.97 15.50 -1.03
N THR B 96 -1.10 14.51 -1.27
CA THR B 96 -1.22 13.16 -0.73
C THR B 96 -2.52 12.48 -1.16
N ASN B 97 -3.15 12.93 -2.23
CA ASN B 97 -4.31 12.27 -2.78
C ASN B 97 -3.91 11.28 -3.87
N LYS B 98 -4.80 10.35 -4.15
CA LYS B 98 -4.56 9.28 -5.10
C LYS B 98 -5.24 9.63 -6.42
N VAL B 99 -4.44 9.79 -7.47
CA VAL B 99 -4.98 10.17 -8.78
C VAL B 99 -5.76 9.02 -9.39
N HIS B 100 -5.22 7.80 -9.32
CA HIS B 100 -5.84 6.65 -9.94
C HIS B 100 -5.61 5.40 -9.09
N ALA B 101 -6.44 4.39 -9.30
CA ALA B 101 -6.32 3.09 -8.64
C ALA B 101 -6.55 2.02 -9.71
N ILE B 102 -5.46 1.50 -10.26
CA ILE B 102 -5.53 0.54 -11.36
C ILE B 102 -5.49 -0.87 -10.77
N PRO B 103 -6.52 -1.69 -10.98
CA PRO B 103 -6.47 -3.09 -10.56
C PRO B 103 -5.83 -3.95 -11.65
N LEU B 104 -4.92 -4.82 -11.25
CA LEU B 104 -4.14 -5.61 -12.19
C LEU B 104 -4.69 -7.01 -12.34
N ARG B 105 -4.43 -7.61 -13.50
CA ARG B 105 -4.88 -8.98 -13.75
C ARG B 105 -4.12 -9.98 -12.88
N SER B 106 -2.83 -9.79 -12.71
CA SER B 106 -1.98 -10.68 -11.92
C SER B 106 -1.62 -10.01 -10.60
N SER B 107 -1.87 -10.69 -9.50
CA SER B 107 -1.57 -10.13 -8.18
C SER B 107 -0.08 -9.94 -7.98
N TRP B 108 0.73 -10.91 -8.42
CA TRP B 108 2.17 -10.84 -8.20
C TRP B 108 2.80 -9.82 -9.14
N VAL B 109 3.51 -8.86 -8.57
CA VAL B 109 4.12 -7.78 -9.33
C VAL B 109 5.53 -7.55 -8.81
N MET B 110 6.48 -7.36 -9.72
CA MET B 110 7.87 -7.12 -9.34
C MET B 110 8.43 -5.79 -9.83
N THR B 111 7.75 -5.10 -10.72
CA THR B 111 8.27 -3.83 -11.23
C THR B 111 7.14 -2.98 -11.78
N CYS B 112 7.39 -1.66 -11.76
CA CYS B 112 6.48 -0.67 -12.32
C CYS B 112 7.28 0.54 -12.70
N ALA B 113 7.01 1.09 -13.89
CA ALA B 113 7.75 2.23 -14.42
C ALA B 113 6.78 3.24 -15.01
N TYR B 114 7.16 4.51 -14.91
CA TYR B 114 6.37 5.63 -15.40
C TYR B 114 7.05 6.23 -16.62
N ALA B 115 6.29 6.41 -17.69
CA ALA B 115 6.84 6.96 -18.93
C ALA B 115 7.19 8.43 -18.74
N PRO B 116 8.09 8.96 -19.57
CA PRO B 116 8.39 10.40 -19.49
C PRO B 116 7.16 11.28 -19.64
N SER B 117 6.22 10.87 -20.49
CA SER B 117 4.91 11.50 -20.57
C SER B 117 3.89 10.65 -19.84
N GLY B 118 3.01 11.31 -19.09
CA GLY B 118 2.05 10.61 -18.25
C GLY B 118 1.02 9.78 -18.97
N ASN B 119 1.14 9.62 -20.29
CA ASN B 119 0.14 8.87 -21.05
C ASN B 119 0.13 7.40 -20.68
N TYR B 120 1.31 6.79 -20.53
CA TYR B 120 1.43 5.35 -20.35
C TYR B 120 2.21 5.00 -19.10
N VAL B 121 1.89 3.86 -18.52
CA VAL B 121 2.60 3.32 -17.36
C VAL B 121 2.76 1.81 -17.54
N ALA B 122 3.94 1.29 -17.25
CA ALA B 122 4.22 -0.12 -17.43
C ALA B 122 4.30 -0.81 -16.07
N CYS B 123 3.87 -2.06 -16.03
CA CYS B 123 3.90 -2.80 -14.76
C CYS B 123 3.91 -4.30 -15.05
N GLY B 124 4.72 -5.03 -14.28
CA GLY B 124 4.83 -6.46 -14.48
C GLY B 124 5.36 -7.18 -13.26
N GLY B 125 5.34 -8.49 -13.33
CA GLY B 125 5.78 -9.33 -12.24
C GLY B 125 6.14 -10.73 -12.69
N LEU B 126 5.77 -11.72 -11.89
CA LEU B 126 6.13 -13.11 -12.14
C LEU B 126 5.37 -13.72 -13.31
N ASP B 127 4.35 -13.05 -13.84
CA ASP B 127 3.55 -13.61 -14.92
C ASP B 127 4.24 -13.51 -16.29
N ASN B 128 5.53 -13.23 -16.33
CA ASN B 128 6.33 -13.21 -17.57
C ASN B 128 5.87 -12.10 -18.51
N ILE B 129 5.08 -11.16 -17.99
CA ILE B 129 4.53 -10.08 -18.81
C ILE B 129 4.58 -8.77 -18.01
N CYS B 130 5.15 -7.71 -18.59
CA CYS B 130 4.96 -6.37 -18.05
C CYS B 130 4.13 -5.60 -19.07
N SER B 131 2.88 -5.36 -18.70
CA SER B 131 1.89 -4.76 -19.59
C SER B 131 1.89 -3.24 -19.48
N ILE B 132 1.18 -2.62 -20.42
CA ILE B 132 1.10 -1.17 -20.54
C ILE B 132 -0.32 -0.74 -20.24
N TYR B 133 -0.47 0.35 -19.49
CA TYR B 133 -1.75 0.94 -19.17
C TYR B 133 -1.77 2.39 -19.63
N ASN B 134 -2.91 2.82 -20.17
CA ASN B 134 -3.12 4.17 -20.65
C ASN B 134 -3.80 5.00 -19.58
N LEU B 135 -3.34 6.24 -19.40
CA LEU B 135 -3.88 7.13 -18.39
C LEU B 135 -4.69 8.28 -18.98
N LYS B 136 -4.61 8.51 -20.29
CA LYS B 136 -5.34 9.60 -20.94
C LYS B 136 -6.23 8.99 -22.02
N THR B 137 -7.55 9.02 -21.80
CA THR B 137 -8.49 8.47 -22.75
C THR B 137 -9.81 9.23 -22.64
N ARG B 138 -10.62 9.11 -23.68
CA ARG B 138 -11.92 9.77 -23.68
C ARG B 138 -12.84 9.17 -22.63
N GLU B 139 -12.77 7.86 -22.43
CA GLU B 139 -13.64 7.19 -21.46
C GLU B 139 -13.32 7.60 -20.02
N GLY B 140 -12.18 8.22 -19.78
CA GLY B 140 -11.83 8.70 -18.45
C GLY B 140 -11.62 7.62 -17.42
N ASN B 141 -11.03 6.49 -17.82
CA ASN B 141 -10.71 5.43 -16.88
C ASN B 141 -9.54 4.63 -17.43
N VAL B 142 -8.74 4.08 -16.53
CA VAL B 142 -7.59 3.28 -16.94
C VAL B 142 -8.07 2.00 -17.61
N ARG B 143 -7.33 1.56 -18.63
CA ARG B 143 -7.67 0.35 -19.36
C ARG B 143 -6.38 -0.36 -19.75
N VAL B 144 -6.51 -1.65 -20.07
CA VAL B 144 -5.38 -2.39 -20.60
C VAL B 144 -5.05 -1.85 -21.98
N SER B 145 -3.79 -1.45 -22.17
CA SER B 145 -3.37 -0.97 -23.47
C SER B 145 -2.79 -2.11 -24.31
N ARG B 146 -1.73 -2.75 -23.81
CA ARG B 146 -1.12 -3.86 -24.51
C ARG B 146 -0.51 -4.82 -23.49
N GLU B 147 -0.69 -6.11 -23.75
CA GLU B 147 -0.04 -7.18 -23.00
C GLU B 147 1.07 -7.75 -23.87
N LEU B 148 2.29 -7.70 -23.38
CA LEU B 148 3.47 -8.07 -24.16
C LEU B 148 4.09 -9.31 -23.54
N ALA B 149 4.08 -10.41 -24.29
CA ALA B 149 4.54 -11.72 -23.81
C ALA B 149 5.60 -12.24 -24.77
N GLY B 150 6.87 -12.02 -24.44
CA GLY B 150 7.96 -12.57 -25.23
C GLY B 150 8.92 -13.43 -24.44
N HIS B 151 8.99 -13.22 -23.13
CA HIS B 151 9.98 -13.88 -22.29
C HIS B 151 9.41 -15.15 -21.65
N THR B 152 10.32 -15.92 -21.05
CA THR B 152 9.96 -17.11 -20.28
C THR B 152 10.25 -16.97 -18.80
N GLY B 153 11.37 -16.34 -18.43
CA GLY B 153 11.66 -16.11 -17.03
C GLY B 153 10.90 -14.95 -16.45
N TYR B 154 10.98 -14.81 -15.14
CA TYR B 154 10.24 -13.76 -14.45
C TYR B 154 10.82 -12.38 -14.79
N LEU B 155 9.93 -11.42 -15.00
CA LEU B 155 10.36 -10.06 -15.32
C LEU B 155 11.00 -9.41 -14.11
N SER B 156 11.96 -8.53 -14.37
CA SER B 156 12.67 -7.80 -13.33
C SER B 156 12.36 -6.31 -13.36
N CYS B 157 12.53 -5.66 -14.51
CA CYS B 157 12.19 -4.25 -14.66
C CYS B 157 12.18 -3.84 -16.13
N CYS B 158 11.11 -3.18 -16.58
CA CYS B 158 11.04 -2.64 -17.92
C CYS B 158 10.84 -1.13 -17.83
N ARG B 159 11.73 -0.38 -18.48
CA ARG B 159 11.72 1.07 -18.46
C ARG B 159 11.30 1.60 -19.83
N PHE B 160 10.97 2.88 -19.88
CA PHE B 160 10.53 3.54 -21.10
C PHE B 160 11.69 4.32 -21.71
N LEU B 161 12.02 3.99 -22.96
CA LEU B 161 13.02 4.76 -23.70
C LEU B 161 12.40 5.83 -24.59
N ASP B 162 11.11 5.73 -24.86
CA ASP B 162 10.39 6.68 -25.70
C ASP B 162 8.90 6.52 -25.39
N ASP B 163 8.07 7.28 -26.10
CA ASP B 163 6.63 7.18 -25.91
C ASP B 163 6.10 5.81 -26.33
N ASN B 164 6.76 5.16 -27.30
CA ASN B 164 6.31 3.87 -27.79
C ASN B 164 7.45 2.87 -27.89
N GLN B 165 8.31 2.81 -26.86
CA GLN B 165 9.45 1.89 -26.86
C GLN B 165 9.88 1.64 -25.43
N ILE B 166 9.95 0.37 -25.04
CA ILE B 166 10.33 -0.01 -23.69
C ILE B 166 11.41 -1.09 -23.75
N VAL B 167 12.19 -1.18 -22.67
CA VAL B 167 13.27 -2.15 -22.53
C VAL B 167 12.97 -3.00 -21.30
N THR B 168 13.02 -4.32 -21.48
CA THR B 168 12.62 -5.27 -20.44
C THR B 168 13.84 -5.99 -19.88
N SER B 169 13.62 -6.67 -18.76
CA SER B 169 14.64 -7.51 -18.13
C SER B 169 13.93 -8.68 -17.48
N SER B 170 14.28 -9.90 -17.90
CA SER B 170 13.58 -11.10 -17.48
C SER B 170 14.57 -12.10 -16.92
N GLY B 171 14.03 -13.06 -16.16
CA GLY B 171 14.85 -14.10 -15.54
C GLY B 171 15.44 -15.09 -16.52
N ASP B 172 15.02 -15.06 -17.79
CA ASP B 172 15.57 -15.94 -18.81
C ASP B 172 16.85 -15.40 -19.42
N THR B 173 17.54 -14.48 -18.73
CA THR B 173 18.84 -13.95 -19.14
C THR B 173 18.78 -13.29 -20.51
N THR B 174 17.72 -12.52 -20.75
CA THR B 174 17.57 -11.82 -22.02
C THR B 174 17.11 -10.39 -21.78
N CYS B 175 17.55 -9.49 -22.66
CA CYS B 175 17.04 -8.13 -22.72
C CYS B 175 16.65 -7.85 -24.16
N ALA B 176 15.41 -7.40 -24.37
CA ALA B 176 14.77 -7.45 -25.67
C ALA B 176 14.55 -6.09 -26.32
N LEU B 177 14.17 -5.07 -25.54
CA LEU B 177 13.86 -3.74 -26.07
C LEU B 177 12.67 -3.82 -27.04
N TRP B 178 11.51 -4.10 -26.44
CA TRP B 178 10.25 -4.27 -27.15
C TRP B 178 9.82 -2.98 -27.85
N ASP B 179 8.85 -3.12 -28.75
CA ASP B 179 8.24 -2.02 -29.48
C ASP B 179 6.73 -2.11 -29.32
N ILE B 180 6.09 -0.98 -29.03
CA ILE B 180 4.69 -1.02 -28.61
C ILE B 180 3.76 -1.37 -29.76
N GLU B 181 3.76 -0.55 -30.82
CA GLU B 181 2.77 -0.70 -31.88
C GLU B 181 2.88 -2.06 -32.55
N THR B 182 4.10 -2.48 -32.87
CA THR B 182 4.28 -3.79 -33.51
C THR B 182 4.02 -4.92 -32.55
N GLY B 183 4.35 -4.74 -31.27
CA GLY B 183 4.14 -5.78 -30.28
C GLY B 183 4.99 -7.01 -30.46
N GLN B 184 6.24 -6.83 -30.88
CA GLN B 184 7.14 -7.96 -31.10
C GLN B 184 8.57 -7.52 -30.81
N GLN B 185 9.42 -8.50 -30.53
CA GLN B 185 10.81 -8.21 -30.19
C GLN B 185 11.56 -7.75 -31.44
N THR B 186 12.31 -6.65 -31.28
CA THR B 186 13.15 -6.14 -32.37
C THR B 186 14.63 -6.36 -32.12
N THR B 187 15.02 -6.75 -30.91
CA THR B 187 16.42 -7.01 -30.58
C THR B 187 16.46 -8.01 -29.45
N THR B 188 17.62 -8.64 -29.26
CA THR B 188 17.82 -9.55 -28.15
C THR B 188 19.26 -9.49 -27.69
N PHE B 189 19.45 -9.62 -26.38
CA PHE B 189 20.78 -9.62 -25.76
C PHE B 189 20.92 -10.87 -24.92
N THR B 190 21.96 -11.66 -25.20
CA THR B 190 22.15 -12.94 -24.52
C THR B 190 23.60 -13.17 -24.10
N GLY B 191 24.24 -12.16 -23.52
CA GLY B 191 25.62 -12.29 -23.12
C GLY B 191 25.84 -12.43 -21.63
N HIS B 192 24.75 -12.49 -20.85
CA HIS B 192 24.88 -12.52 -19.39
C HIS B 192 25.18 -13.91 -18.84
N THR B 193 24.50 -14.94 -19.36
CA THR B 193 24.60 -16.30 -18.81
C THR B 193 24.30 -16.31 -17.31
N GLY B 194 23.32 -15.50 -16.92
CA GLY B 194 22.92 -15.41 -15.53
C GLY B 194 21.70 -14.54 -15.38
N ASP B 195 21.00 -14.72 -14.27
CA ASP B 195 19.74 -14.03 -14.03
C ASP B 195 20.00 -12.54 -13.84
N VAL B 196 19.31 -11.71 -14.64
CA VAL B 196 19.44 -10.27 -14.52
C VAL B 196 18.52 -9.78 -13.41
N MET B 197 18.85 -8.62 -12.84
CA MET B 197 18.10 -8.09 -11.71
C MET B 197 17.66 -6.64 -11.88
N SER B 198 18.41 -5.80 -12.58
CA SER B 198 18.02 -4.40 -12.71
C SER B 198 18.72 -3.79 -13.92
N LEU B 199 18.16 -2.69 -14.40
CA LEU B 199 18.76 -1.91 -15.47
C LEU B 199 18.35 -0.46 -15.32
N SER B 200 19.16 0.44 -15.84
CA SER B 200 18.87 1.87 -15.76
C SER B 200 19.43 2.53 -17.02
N LEU B 201 18.53 3.07 -17.85
CA LEU B 201 18.96 3.74 -19.06
C LEU B 201 19.67 5.04 -18.72
N ALA B 202 20.71 5.35 -19.49
CA ALA B 202 21.48 6.56 -19.28
C ALA B 202 20.67 7.79 -19.69
N PRO B 203 21.06 8.98 -19.22
CA PRO B 203 20.38 10.20 -19.69
C PRO B 203 20.38 10.33 -21.21
N ASP B 204 21.47 9.94 -21.86
CA ASP B 204 21.44 9.79 -23.30
C ASP B 204 20.71 8.50 -23.65
N THR B 205 19.91 8.56 -24.71
CA THR B 205 18.98 7.48 -25.05
C THR B 205 19.54 6.57 -26.15
N ARG B 206 20.84 6.32 -26.15
CA ARG B 206 21.45 5.44 -27.14
C ARG B 206 22.14 4.22 -26.54
N LEU B 207 22.23 4.13 -25.21
CA LEU B 207 22.89 3.00 -24.58
C LEU B 207 22.41 2.88 -23.15
N PHE B 208 22.60 1.70 -22.57
CA PHE B 208 22.22 1.47 -21.17
C PHE B 208 23.08 0.35 -20.61
N VAL B 209 22.82 0.00 -19.35
CA VAL B 209 23.56 -1.04 -18.66
C VAL B 209 22.58 -1.90 -17.87
N SER B 210 22.96 -3.15 -17.63
CA SER B 210 22.13 -4.07 -16.86
C SER B 210 23.02 -5.04 -16.10
N GLY B 211 22.53 -5.46 -14.92
CA GLY B 211 23.27 -6.36 -14.07
C GLY B 211 22.92 -7.82 -14.33
N ALA B 212 23.51 -8.68 -13.50
CA ALA B 212 23.31 -10.12 -13.61
C ALA B 212 23.57 -10.77 -12.26
N CYS B 213 23.14 -12.02 -12.13
CA CYS B 213 23.29 -12.77 -10.90
C CYS B 213 24.67 -13.41 -10.76
N ASP B 214 25.54 -13.28 -11.76
CA ASP B 214 26.89 -13.81 -11.70
C ASP B 214 27.91 -12.73 -11.36
N ALA B 215 27.50 -11.73 -10.58
CA ALA B 215 28.38 -10.64 -10.15
C ALA B 215 29.03 -9.93 -11.35
N SER B 216 28.24 -9.70 -12.39
CA SER B 216 28.73 -9.04 -13.60
C SER B 216 27.71 -8.02 -14.07
N ALA B 217 28.20 -6.89 -14.58
CA ALA B 217 27.36 -5.86 -15.17
C ALA B 217 27.81 -5.62 -16.59
N LYS B 218 26.84 -5.54 -17.51
CA LYS B 218 27.14 -5.44 -18.93
C LYS B 218 26.41 -4.24 -19.53
N LEU B 219 27.13 -3.50 -20.38
CA LEU B 219 26.57 -2.34 -21.07
C LEU B 219 26.14 -2.74 -22.47
N TRP B 220 24.93 -2.34 -22.86
CA TRP B 220 24.36 -2.66 -24.15
C TRP B 220 24.07 -1.39 -24.94
N ASP B 221 24.17 -1.50 -26.26
CA ASP B 221 23.85 -0.44 -27.20
C ASP B 221 22.42 -0.62 -27.69
N VAL B 222 21.67 0.48 -27.71
CA VAL B 222 20.27 0.43 -28.13
C VAL B 222 20.17 0.07 -29.60
N ARG B 223 20.95 0.75 -30.45
CA ARG B 223 20.84 0.52 -31.89
C ARG B 223 21.49 -0.81 -32.29
N GLU B 224 22.62 -1.15 -31.69
CA GLU B 224 23.33 -2.37 -32.04
C GLU B 224 22.88 -3.52 -31.15
N GLY B 225 23.45 -4.70 -31.41
CA GLY B 225 22.95 -5.91 -30.77
C GLY B 225 23.86 -6.62 -29.80
N MET B 226 25.09 -6.13 -29.61
CA MET B 226 26.04 -6.81 -28.74
C MET B 226 26.58 -5.84 -27.69
N CYS B 227 27.04 -6.41 -26.58
CA CYS B 227 27.60 -5.61 -25.49
C CYS B 227 28.99 -5.10 -25.87
N ARG B 228 29.51 -4.21 -25.04
CA ARG B 228 30.77 -3.55 -25.32
C ARG B 228 31.86 -3.85 -24.31
N GLN B 229 31.59 -3.68 -23.01
CA GLN B 229 32.63 -3.78 -21.99
C GLN B 229 32.54 -5.06 -21.15
N THR B 230 31.37 -5.33 -20.56
CA THR B 230 31.16 -6.48 -19.69
C THR B 230 32.12 -6.44 -18.49
N PHE B 231 31.90 -5.44 -17.63
CA PHE B 231 32.62 -5.37 -16.37
C PHE B 231 32.27 -6.57 -15.48
N THR B 232 33.29 -7.11 -14.81
CA THR B 232 33.10 -8.23 -13.89
C THR B 232 33.78 -7.98 -12.55
N GLY B 233 33.85 -6.71 -12.14
CA GLY B 233 34.55 -6.37 -10.91
C GLY B 233 33.67 -6.37 -9.67
N HIS B 234 32.99 -7.48 -9.41
CA HIS B 234 32.17 -7.62 -8.21
C HIS B 234 32.38 -9.02 -7.64
N GLU B 235 31.91 -9.21 -6.40
CA GLU B 235 32.17 -10.44 -5.66
C GLU B 235 31.04 -11.46 -5.78
N SER B 236 29.83 -11.10 -5.37
CA SER B 236 28.78 -12.08 -5.16
C SER B 236 27.62 -11.94 -6.14
N ASP B 237 26.97 -10.77 -6.19
CA ASP B 237 25.73 -10.64 -6.93
C ASP B 237 25.60 -9.20 -7.42
N ILE B 238 24.44 -8.89 -8.00
CA ILE B 238 24.06 -7.53 -8.38
C ILE B 238 22.57 -7.37 -8.12
N ASN B 239 22.18 -6.23 -7.54
CA ASN B 239 20.78 -6.02 -7.20
C ASN B 239 20.19 -4.70 -7.68
N ALA B 240 21.00 -3.67 -7.93
CA ALA B 240 20.45 -2.39 -8.37
C ALA B 240 21.53 -1.60 -9.08
N ILE B 241 21.16 -0.95 -10.17
CA ILE B 241 22.05 -0.09 -10.94
C ILE B 241 21.30 1.19 -11.30
N CYS B 242 21.98 2.33 -11.17
CA CYS B 242 21.38 3.61 -11.53
C CYS B 242 22.49 4.59 -11.89
N PHE B 243 22.31 5.29 -13.01
CA PHE B 243 23.26 6.29 -13.44
C PHE B 243 23.13 7.57 -12.62
N PHE B 244 24.06 8.49 -12.86
CA PHE B 244 24.00 9.86 -12.41
C PHE B 244 24.34 10.72 -13.63
N PRO B 245 23.97 12.01 -13.62
CA PRO B 245 24.13 12.83 -14.83
C PRO B 245 25.54 12.77 -15.39
N ASN B 246 25.63 12.93 -16.71
CA ASN B 246 26.78 12.73 -17.58
C ASN B 246 26.98 11.22 -17.81
N GLY B 247 26.26 10.35 -17.10
CA GLY B 247 26.24 8.92 -17.36
C GLY B 247 27.59 8.24 -17.48
N ASN B 248 28.35 8.15 -16.39
CA ASN B 248 29.63 7.47 -16.43
C ASN B 248 29.93 6.63 -15.19
N ALA B 249 28.97 6.47 -14.28
CA ALA B 249 29.24 5.72 -13.04
C ALA B 249 28.33 4.51 -12.88
N PHE B 250 27.01 4.69 -13.08
CA PHE B 250 25.99 3.67 -12.83
C PHE B 250 26.29 2.82 -11.60
N ALA B 251 26.62 3.49 -10.48
CA ALA B 251 27.06 2.79 -9.27
C ALA B 251 26.02 1.75 -8.84
N THR B 252 26.51 0.59 -8.42
CA THR B 252 25.67 -0.56 -8.16
C THR B 252 25.93 -1.12 -6.77
N GLY B 253 24.90 -1.78 -6.22
CA GLY B 253 25.03 -2.46 -4.95
C GLY B 253 24.53 -3.89 -5.08
N SER B 254 24.83 -4.69 -4.05
CA SER B 254 24.50 -6.11 -4.09
C SER B 254 24.28 -6.62 -2.67
N ASP B 255 24.14 -7.94 -2.54
CA ASP B 255 23.92 -8.60 -1.27
C ASP B 255 25.18 -8.65 -0.41
N ASP B 256 26.36 -8.42 -1.00
CA ASP B 256 27.62 -8.48 -0.27
C ASP B 256 27.91 -7.21 0.54
N ALA B 257 26.90 -6.37 0.75
CA ALA B 257 27.05 -5.12 1.51
C ALA B 257 28.17 -4.24 0.92
N THR B 258 28.25 -4.20 -0.41
CA THR B 258 29.28 -3.45 -1.09
C THR B 258 28.65 -2.63 -2.21
N CYS B 259 29.01 -1.35 -2.26
CA CYS B 259 28.59 -0.44 -3.32
C CYS B 259 29.81 -0.05 -4.15
N ARG B 260 29.72 -0.26 -5.46
CA ARG B 260 30.83 -0.01 -6.35
C ARG B 260 30.36 0.79 -7.55
N LEU B 261 31.24 1.64 -8.08
CA LEU B 261 30.96 2.43 -9.27
C LEU B 261 32.05 2.21 -10.29
N PHE B 262 31.67 2.09 -11.56
CA PHE B 262 32.58 1.82 -12.66
C PHE B 262 32.46 2.92 -13.70
N ASP B 263 33.59 3.24 -14.34
CA ASP B 263 33.63 4.22 -15.42
C ASP B 263 33.84 3.50 -16.73
N LEU B 264 33.06 3.90 -17.75
CA LEU B 264 33.12 3.24 -19.05
C LEU B 264 34.51 3.38 -19.67
N ARG B 265 35.06 4.59 -19.62
CA ARG B 265 36.38 4.82 -20.22
C ARG B 265 37.49 4.21 -19.38
N ALA B 266 37.40 4.35 -18.04
CA ALA B 266 38.41 3.77 -17.17
C ALA B 266 38.38 2.25 -17.24
N ASP B 267 37.18 1.65 -17.27
CA ASP B 267 37.01 0.21 -17.37
C ASP B 267 37.71 -0.53 -16.25
N GLN B 268 37.64 0.03 -15.03
CA GLN B 268 38.28 -0.58 -13.88
C GLN B 268 37.60 -0.07 -12.62
N GLU B 269 37.70 -0.85 -11.54
CA GLU B 269 37.09 -0.46 -10.28
C GLU B 269 37.68 0.84 -9.76
N LEU B 270 36.84 1.69 -9.21
CA LEU B 270 37.24 3.03 -8.79
C LEU B 270 37.13 3.24 -7.28
N MET B 271 35.96 2.98 -6.69
CA MET B 271 35.72 3.42 -5.32
C MET B 271 35.45 2.27 -4.36
N THR B 272 34.66 1.29 -4.79
CA THR B 272 34.31 0.08 -4.05
C THR B 272 34.06 0.37 -2.56
N TYR B 273 33.00 1.14 -2.34
CA TYR B 273 32.56 1.49 -0.99
C TYR B 273 32.37 0.24 -0.14
N SER B 274 32.75 0.35 1.14
CA SER B 274 32.61 -0.75 2.08
C SER B 274 32.66 -0.26 3.52
N HIS B 275 31.91 -0.93 4.40
CA HIS B 275 31.93 -0.61 5.82
C HIS B 275 31.92 -1.90 6.63
N ASP B 276 32.75 -1.95 7.67
CA ASP B 276 32.92 -3.18 8.45
C ASP B 276 31.74 -3.42 9.38
N ASN B 277 31.13 -2.35 9.91
CA ASN B 277 30.06 -2.52 10.89
C ASN B 277 28.85 -3.23 10.30
N ILE B 278 28.48 -2.88 9.07
CA ILE B 278 27.27 -3.41 8.45
C ILE B 278 27.63 -4.64 7.61
N ILE B 279 26.84 -5.70 7.76
CA ILE B 279 26.94 -6.89 6.92
C ILE B 279 25.50 -7.25 6.54
N CYS B 280 25.07 -6.77 5.37
CA CYS B 280 23.67 -6.89 4.98
C CYS B 280 23.58 -6.90 3.46
N GLY B 281 22.35 -6.83 2.94
CA GLY B 281 22.11 -6.75 1.52
C GLY B 281 21.71 -5.35 1.09
N ILE B 282 21.50 -5.21 -0.22
CA ILE B 282 21.09 -3.95 -0.84
C ILE B 282 19.93 -4.23 -1.79
N THR B 283 18.90 -3.39 -1.71
CA THR B 283 17.71 -3.56 -2.54
C THR B 283 17.57 -2.53 -3.65
N SER B 284 18.00 -1.29 -3.45
CA SER B 284 17.89 -0.28 -4.48
C SER B 284 18.95 0.79 -4.25
N VAL B 285 19.36 1.42 -5.35
CA VAL B 285 20.38 2.47 -5.34
C VAL B 285 19.92 3.60 -6.25
N SER B 286 20.11 4.84 -5.80
CA SER B 286 19.75 6.01 -6.58
C SER B 286 20.77 7.11 -6.33
N PHE B 287 20.82 8.06 -7.25
CA PHE B 287 21.74 9.19 -7.19
C PHE B 287 20.99 10.49 -6.99
N SER B 288 21.73 11.54 -6.67
CA SER B 288 21.17 12.87 -6.50
C SER B 288 21.24 13.62 -7.83
N LYS B 289 20.75 14.87 -7.81
CA LYS B 289 20.76 15.67 -9.03
C LYS B 289 22.16 16.17 -9.37
N SER B 290 22.95 16.52 -8.36
CA SER B 290 24.29 17.05 -8.56
C SER B 290 25.37 15.98 -8.53
N GLY B 291 25.00 14.72 -8.32
CA GLY B 291 25.99 13.65 -8.29
C GLY B 291 26.96 13.76 -7.14
N ARG B 292 26.48 14.14 -5.95
CA ARG B 292 27.30 14.22 -4.75
C ARG B 292 26.91 13.21 -3.69
N LEU B 293 25.62 13.00 -3.47
CA LEU B 293 25.13 12.04 -2.48
C LEU B 293 24.37 10.93 -3.19
N LEU B 294 24.68 9.69 -2.85
CA LEU B 294 23.99 8.54 -3.40
C LEU B 294 23.27 7.79 -2.27
N LEU B 295 22.02 7.44 -2.51
CA LEU B 295 21.19 6.76 -1.53
C LEU B 295 21.12 5.28 -1.86
N ALA B 296 21.25 4.46 -0.82
CA ALA B 296 21.16 3.01 -1.01
C ALA B 296 20.31 2.42 0.10
N GLY B 297 19.34 1.59 -0.25
CA GLY B 297 18.49 0.98 0.75
C GLY B 297 19.02 -0.38 1.11
N TYR B 298 19.35 -0.55 2.38
CA TYR B 298 19.87 -1.83 2.86
C TYR B 298 18.77 -2.66 3.50
N ASP B 299 19.14 -3.78 4.04
CA ASP B 299 18.20 -4.54 4.78
C ASP B 299 18.43 -4.05 6.19
N ASP B 300 18.06 -4.77 7.21
CA ASP B 300 18.23 -4.22 8.54
C ASP B 300 17.19 -3.13 8.70
N PHE B 301 16.45 -2.85 7.62
CA PHE B 301 15.41 -1.89 7.66
C PHE B 301 15.83 -0.44 7.80
N ASN B 302 16.96 -0.01 7.28
CA ASN B 302 17.32 1.42 7.31
C ASN B 302 18.34 1.87 6.30
N CYS B 303 17.89 2.59 5.33
CA CYS B 303 18.71 3.00 4.21
C CYS B 303 19.83 3.93 4.66
N ASN B 304 20.75 4.22 3.74
CA ASN B 304 21.92 5.03 4.04
C ASN B 304 22.23 5.96 2.88
N VAL B 305 23.01 6.99 3.19
CA VAL B 305 23.46 7.99 2.23
C VAL B 305 24.97 8.03 2.25
N TRP B 306 25.59 8.03 1.06
CA TRP B 306 27.03 7.98 0.92
C TRP B 306 27.53 9.12 0.04
N ASP B 307 28.64 9.72 0.44
CA ASP B 307 29.29 10.74 -0.38
C ASP B 307 29.96 10.09 -1.58
N ALA B 308 29.74 10.66 -2.76
CA ALA B 308 30.29 10.08 -3.99
C ALA B 308 31.81 10.15 -4.01
N LEU B 309 32.37 11.27 -3.57
CA LEU B 309 33.81 11.50 -3.73
C LEU B 309 34.60 11.03 -2.50
N LYS B 310 34.28 11.57 -1.32
CA LYS B 310 35.06 11.27 -0.13
C LYS B 310 34.82 9.84 0.36
N ALA B 311 33.73 9.21 -0.06
CA ALA B 311 33.39 7.83 0.28
C ALA B 311 33.21 7.63 1.78
N ASP B 312 32.87 8.68 2.52
CA ASP B 312 32.58 8.55 3.93
C ASP B 312 31.11 8.22 4.15
N ARG B 313 30.69 8.19 5.41
CA ARG B 313 29.31 7.87 5.78
C ARG B 313 28.66 9.09 6.39
N ALA B 314 27.40 9.31 6.02
CA ALA B 314 26.60 10.41 6.54
C ALA B 314 25.49 9.85 7.44
N GLY B 315 24.56 10.72 7.83
CA GLY B 315 23.51 10.37 8.77
C GLY B 315 22.65 9.20 8.37
N VAL B 316 22.45 8.26 9.29
CA VAL B 316 21.57 7.13 9.05
C VAL B 316 20.12 7.60 9.03
N LEU B 317 19.27 6.81 8.38
CA LEU B 317 17.86 7.15 8.22
C LEU B 317 17.00 6.29 9.13
N ALA B 318 15.83 6.81 9.48
CA ALA B 318 15.00 6.19 10.50
C ALA B 318 14.24 4.98 9.97
N GLY B 319 13.41 5.19 8.95
CA GLY B 319 12.55 4.14 8.45
C GLY B 319 13.33 3.02 7.78
N HIS B 320 12.64 1.89 7.58
CA HIS B 320 11.23 1.76 7.95
C HIS B 320 11.00 0.60 8.91
N ASP B 321 9.73 0.31 9.20
CA ASP B 321 9.40 -0.76 10.12
C ASP B 321 9.85 -2.11 9.57
N ASN B 322 9.29 -2.52 8.44
CA ASN B 322 9.75 -3.73 7.75
C ASN B 322 9.23 -3.81 6.31
N ARG B 323 10.13 -3.82 5.32
CA ARG B 323 11.53 -3.43 5.45
C ARG B 323 11.83 -2.63 4.19
N VAL B 324 12.81 -1.74 4.24
CA VAL B 324 13.07 -0.86 3.10
C VAL B 324 13.40 -1.69 1.87
N SER B 325 12.74 -1.36 0.75
CA SER B 325 12.89 -2.12 -0.48
C SER B 325 13.14 -1.29 -1.72
N CYS B 326 12.70 -0.04 -1.78
CA CYS B 326 12.93 0.77 -2.97
C CYS B 326 13.04 2.23 -2.57
N LEU B 327 13.74 3.01 -3.40
CA LEU B 327 13.85 4.45 -3.19
C LEU B 327 14.18 5.12 -4.51
N GLY B 328 13.61 6.31 -4.71
CA GLY B 328 13.80 7.05 -5.94
C GLY B 328 13.95 8.53 -5.67
N VAL B 329 14.66 9.19 -6.59
CA VAL B 329 14.99 10.60 -6.48
C VAL B 329 14.38 11.33 -7.67
N THR B 330 13.70 12.44 -7.40
CA THR B 330 13.03 13.20 -8.45
C THR B 330 14.05 13.85 -9.38
N ASP B 331 13.53 14.34 -10.52
CA ASP B 331 14.39 15.00 -11.51
C ASP B 331 15.02 16.27 -10.97
N ASP B 332 14.28 17.08 -10.21
CA ASP B 332 14.80 18.30 -9.63
C ASP B 332 15.50 18.08 -8.29
N GLY B 333 15.37 16.88 -7.72
CA GLY B 333 16.01 16.57 -6.45
C GLY B 333 15.34 17.13 -5.23
N MET B 334 14.17 17.76 -5.37
CA MET B 334 13.50 18.40 -4.25
C MET B 334 13.04 17.42 -3.18
N ALA B 335 12.95 16.13 -3.49
CA ALA B 335 12.49 15.15 -2.52
C ALA B 335 12.99 13.77 -2.92
N VAL B 336 12.92 12.85 -1.96
CA VAL B 336 13.23 11.44 -2.21
C VAL B 336 12.10 10.58 -1.65
N ALA B 337 11.67 9.60 -2.44
CA ALA B 337 10.60 8.71 -2.02
C ALA B 337 11.17 7.36 -1.65
N THR B 338 10.69 6.79 -0.55
CA THR B 338 11.15 5.50 -0.07
C THR B 338 9.95 4.60 0.23
N GLY B 339 10.05 3.36 -0.24
CA GLY B 339 8.98 2.40 -0.06
C GLY B 339 9.48 1.11 0.53
N SER B 340 8.72 0.57 1.48
CA SER B 340 9.12 -0.58 2.26
C SER B 340 7.97 -1.58 2.32
N TRP B 341 8.29 -2.81 2.74
CA TRP B 341 7.33 -3.91 2.74
C TRP B 341 6.16 -3.66 3.68
N ASP B 342 6.30 -2.69 4.59
CA ASP B 342 5.22 -2.36 5.51
C ASP B 342 4.11 -1.53 4.87
N SER B 343 4.08 -1.46 3.53
CA SER B 343 3.05 -0.74 2.78
C SER B 343 3.05 0.75 3.05
N PHE B 344 4.20 1.32 3.42
CA PHE B 344 4.31 2.74 3.73
C PHE B 344 5.27 3.39 2.76
N LEU B 345 4.80 4.44 2.10
CA LEU B 345 5.64 5.28 1.25
C LEU B 345 5.90 6.59 1.97
N LYS B 346 7.17 6.97 2.08
CA LYS B 346 7.55 8.19 2.78
C LYS B 346 8.34 9.12 1.88
N ILE B 347 8.01 10.41 1.94
CA ILE B 347 8.68 11.45 1.19
C ILE B 347 9.59 12.21 2.15
N TRP B 348 10.88 12.26 1.82
CA TRP B 348 11.90 12.84 2.68
C TRP B 348 12.59 13.98 1.96
N ASN B 349 12.83 15.07 2.70
CA ASN B 349 13.45 16.27 2.13
C ASN B 349 14.59 16.75 3.02
N ILE C 9 32.28 -25.13 -29.45
CA ILE C 9 32.86 -24.62 -30.68
C ILE C 9 32.25 -23.27 -31.02
N ALA C 10 30.95 -23.27 -31.33
CA ALA C 10 30.27 -22.02 -31.67
C ALA C 10 30.25 -21.06 -30.49
N GLN C 11 30.02 -21.58 -29.28
CA GLN C 11 30.00 -20.72 -28.09
C GLN C 11 31.37 -20.09 -27.85
N ALA C 12 32.44 -20.86 -28.01
CA ALA C 12 33.78 -20.31 -27.85
C ALA C 12 34.08 -19.26 -28.90
N ARG C 13 33.65 -19.51 -30.14
CA ARG C 13 33.86 -18.53 -31.21
C ARG C 13 33.12 -17.23 -30.91
N LYS C 14 31.87 -17.32 -30.46
CA LYS C 14 31.13 -16.11 -30.10
C LYS C 14 31.79 -15.39 -28.92
N LEU C 15 32.27 -16.15 -27.93
CA LEU C 15 32.92 -15.55 -26.78
C LEU C 15 34.18 -14.80 -27.17
N VAL C 16 35.02 -15.40 -28.02
CA VAL C 16 36.25 -14.72 -28.42
C VAL C 16 35.94 -13.54 -29.33
N GLU C 17 34.92 -13.65 -30.17
CA GLU C 17 34.52 -12.52 -31.01
C GLU C 17 34.05 -11.35 -30.15
N GLN C 18 33.30 -11.63 -29.09
CA GLN C 18 32.89 -10.57 -28.17
C GLN C 18 34.10 -10.00 -27.42
N LEU C 19 35.04 -10.87 -27.03
CA LEU C 19 36.22 -10.40 -26.30
C LEU C 19 37.07 -9.47 -27.16
N LYS C 20 37.15 -9.74 -28.47
CA LYS C 20 37.90 -8.86 -29.36
C LYS C 20 37.34 -7.45 -29.35
N MET C 21 36.00 -7.33 -29.40
CA MET C 21 35.38 -6.01 -29.31
C MET C 21 35.54 -5.40 -27.93
N GLU C 22 35.52 -6.25 -26.89
CA GLU C 22 35.71 -5.74 -25.52
C GLU C 22 37.09 -5.12 -25.35
N ALA C 23 38.11 -5.75 -25.91
CA ALA C 23 39.46 -5.20 -25.83
C ALA C 23 39.63 -3.92 -26.65
N ASN C 24 38.69 -3.61 -27.53
CA ASN C 24 38.76 -2.43 -28.39
C ASN C 24 38.37 -1.20 -27.58
N ILE C 25 39.27 -0.79 -26.70
CA ILE C 25 39.10 0.38 -25.84
C ILE C 25 40.36 1.23 -25.95
N ASP C 26 40.18 2.55 -25.79
CA ASP C 26 41.21 3.48 -26.26
C ASP C 26 42.50 3.42 -25.43
N ARG C 27 42.49 3.69 -24.11
CA ARG C 27 41.41 4.26 -23.30
C ARG C 27 42.00 5.43 -22.52
N ILE C 28 41.15 6.39 -22.11
CA ILE C 28 41.65 7.57 -21.42
C ILE C 28 42.14 7.19 -20.03
N LYS C 29 42.93 8.06 -19.43
CA LYS C 29 43.51 7.77 -18.12
C LYS C 29 42.45 7.81 -17.02
N VAL C 30 42.66 6.99 -15.99
CA VAL C 30 41.76 6.98 -14.84
C VAL C 30 41.80 8.33 -14.13
N SER C 31 42.99 8.92 -14.05
CA SER C 31 43.12 10.23 -13.41
C SER C 31 42.32 11.30 -14.15
N LYS C 32 42.31 11.24 -15.49
CA LYS C 32 41.52 12.18 -16.26
C LYS C 32 40.03 12.03 -15.97
N ALA C 33 39.55 10.79 -15.89
CA ALA C 33 38.15 10.56 -15.58
C ALA C 33 37.81 11.05 -14.18
N ALA C 34 38.69 10.81 -13.21
CA ALA C 34 38.44 11.30 -11.86
C ALA C 34 38.42 12.83 -11.82
N ALA C 35 39.34 13.47 -12.55
CA ALA C 35 39.36 14.93 -12.61
C ALA C 35 38.08 15.47 -13.23
N ASP C 36 37.60 14.83 -14.30
CA ASP C 36 36.34 15.24 -14.91
C ASP C 36 35.19 15.08 -13.94
N LEU C 37 35.17 13.98 -13.18
CA LEU C 37 34.11 13.75 -12.20
C LEU C 37 34.10 14.84 -11.13
N MET C 38 35.27 15.14 -10.57
CA MET C 38 35.33 16.18 -9.54
C MET C 38 34.95 17.55 -10.11
N ALA C 39 35.41 17.85 -11.33
CA ALA C 39 35.07 19.13 -11.94
C ALA C 39 33.56 19.27 -12.14
N TYR C 40 32.92 18.22 -12.66
CA TYR C 40 31.49 18.26 -12.87
C TYR C 40 30.74 18.38 -11.55
N CYS C 41 31.16 17.61 -10.53
CA CYS C 41 30.49 17.67 -9.24
C CYS C 41 30.62 19.06 -8.61
N GLU C 42 31.81 19.66 -8.69
CA GLU C 42 32.00 20.99 -8.13
C GLU C 42 31.20 22.03 -8.89
N ALA C 43 31.15 21.92 -10.22
CA ALA C 43 30.40 22.89 -11.02
C ALA C 43 28.91 22.80 -10.74
N HIS C 44 28.39 21.58 -10.58
CA HIS C 44 26.96 21.39 -10.41
C HIS C 44 26.52 21.35 -8.95
N ALA C 45 27.42 21.60 -8.01
CA ALA C 45 27.07 21.60 -6.58
C ALA C 45 26.55 22.98 -6.16
N LYS C 46 25.55 23.45 -6.92
CA LYS C 46 24.91 24.73 -6.62
C LYS C 46 23.40 24.71 -6.73
N GLU C 47 22.80 23.71 -7.38
CA GLU C 47 21.36 23.68 -7.60
C GLU C 47 20.65 22.59 -6.81
N ASP C 48 21.35 21.56 -6.35
CA ASP C 48 20.71 20.50 -5.60
C ASP C 48 20.22 21.01 -4.25
N PRO C 49 19.03 20.62 -3.80
CA PRO C 49 18.56 21.01 -2.47
C PRO C 49 18.96 20.05 -1.35
N LEU C 50 19.88 19.12 -1.61
CA LEU C 50 20.30 18.18 -0.57
C LEU C 50 21.44 18.75 0.26
N LEU C 51 22.53 19.17 -0.40
CA LEU C 51 23.65 19.77 0.32
C LEU C 51 23.25 21.07 0.98
N THR C 52 22.53 21.92 0.25
CA THR C 52 22.06 23.20 0.78
C THR C 52 20.55 23.15 0.92
N PRO C 53 20.01 23.02 2.14
CA PRO C 53 18.55 22.98 2.29
C PRO C 53 17.90 24.27 1.84
N VAL C 54 16.72 24.14 1.25
CA VAL C 54 15.94 25.29 0.78
C VAL C 54 15.41 26.04 1.99
N PRO C 55 15.14 27.35 1.88
CA PRO C 55 14.59 28.08 3.03
C PRO C 55 13.18 27.64 3.38
N ALA C 56 12.58 28.30 4.38
CA ALA C 56 11.22 27.94 4.79
C ALA C 56 10.24 28.14 3.64
N SER C 57 10.37 29.24 2.91
CA SER C 57 9.58 29.46 1.71
C SER C 57 10.18 28.70 0.54
N GLU C 58 9.43 28.70 -0.58
CA GLU C 58 9.80 28.02 -1.83
C GLU C 58 9.94 26.52 -1.66
N ASN C 59 9.54 25.96 -0.51
CA ASN C 59 9.58 24.52 -0.29
C ASN C 59 8.18 23.97 -0.44
N PRO C 60 7.92 23.11 -1.43
CA PRO C 60 6.55 22.58 -1.60
C PRO C 60 6.06 21.80 -0.39
N PHE C 61 6.95 21.15 0.35
CA PHE C 61 6.57 20.38 1.53
C PHE C 61 6.61 21.26 2.76
N ARG C 62 5.54 21.23 3.55
CA ARG C 62 5.45 22.03 4.77
C ARG C 62 6.42 21.51 5.84
N ASP D 39 -18.73 6.01 -29.25
CA ASP D 39 -18.09 7.25 -28.83
C ASP D 39 -18.96 8.01 -27.84
N VAL D 40 -18.40 9.07 -27.26
CA VAL D 40 -19.12 9.85 -26.26
C VAL D 40 -20.21 10.67 -26.95
N GLN D 41 -21.40 10.66 -26.36
CA GLN D 41 -22.54 11.40 -26.89
C GLN D 41 -23.62 11.48 -25.82
N LEU D 42 -24.14 12.69 -25.60
CA LEU D 42 -25.19 12.94 -24.62
C LEU D 42 -26.49 13.24 -25.36
N VAL D 43 -27.55 12.53 -24.98
CA VAL D 43 -28.86 12.68 -25.59
C VAL D 43 -29.90 12.95 -24.51
N GLU D 44 -30.71 13.98 -24.69
CA GLU D 44 -31.79 14.31 -23.78
C GLU D 44 -33.01 14.73 -24.58
N SER D 45 -34.19 14.50 -24.00
CA SER D 45 -35.45 14.92 -24.62
C SER D 45 -36.48 15.10 -23.51
N GLY D 46 -36.67 16.35 -23.07
CA GLY D 46 -37.65 16.64 -22.05
C GLY D 46 -38.35 17.97 -22.25
N GLY D 47 -38.11 18.61 -23.39
CA GLY D 47 -38.65 19.93 -23.67
C GLY D 47 -40.06 19.89 -24.24
N GLY D 48 -40.79 20.97 -24.00
CA GLY D 48 -42.15 21.07 -24.52
C GLY D 48 -42.81 22.33 -23.99
N LEU D 49 -44.06 22.51 -24.40
CA LEU D 49 -44.86 23.65 -23.95
C LEU D 49 -45.47 23.31 -22.58
N VAL D 50 -45.18 24.14 -21.58
CA VAL D 50 -45.63 23.92 -20.21
C VAL D 50 -46.34 25.17 -19.72
N GLN D 51 -47.54 24.98 -19.16
CA GLN D 51 -48.27 26.08 -18.57
C GLN D 51 -47.52 26.62 -17.36
N PRO D 52 -47.56 27.93 -17.13
CA PRO D 52 -46.85 28.50 -15.98
C PRO D 52 -47.30 27.87 -14.66
N GLY D 53 -46.35 27.70 -13.76
CA GLY D 53 -46.62 27.00 -12.51
C GLY D 53 -46.89 25.53 -12.67
N GLY D 54 -46.18 24.86 -13.58
CA GLY D 54 -46.34 23.44 -13.82
C GLY D 54 -45.16 22.63 -13.33
N SER D 55 -45.15 21.36 -13.75
CA SER D 55 -44.09 20.43 -13.39
C SER D 55 -43.60 19.70 -14.63
N ARG D 56 -42.31 19.38 -14.64
CA ARG D 56 -41.71 18.68 -15.76
C ARG D 56 -40.44 17.98 -15.29
N LYS D 57 -40.02 16.97 -16.04
CA LYS D 57 -38.81 16.22 -15.76
C LYS D 57 -37.91 16.22 -16.98
N LEU D 58 -36.62 16.47 -16.76
CA LEU D 58 -35.61 16.44 -17.81
C LEU D 58 -34.65 15.29 -17.53
N SER D 59 -34.28 14.56 -18.58
CA SER D 59 -33.43 13.39 -18.42
C SER D 59 -32.42 13.35 -19.56
N CYS D 60 -31.15 13.19 -19.22
CA CYS D 60 -30.10 13.06 -20.22
C CYS D 60 -29.28 11.81 -19.95
N SER D 61 -28.97 11.07 -21.01
CA SER D 61 -28.33 9.77 -20.91
C SER D 61 -26.93 9.82 -21.50
N ALA D 62 -26.00 9.13 -20.83
CA ALA D 62 -24.62 9.01 -21.29
C ALA D 62 -24.30 7.54 -21.55
N SER D 63 -23.65 7.27 -22.67
CA SER D 63 -23.34 5.90 -23.05
C SER D 63 -21.89 5.73 -23.49
N GLY D 64 -21.23 6.84 -23.81
CA GLY D 64 -19.90 6.82 -24.37
C GLY D 64 -18.76 6.75 -23.38
N PHE D 65 -19.03 6.67 -22.08
CA PHE D 65 -17.98 6.66 -21.07
C PHE D 65 -18.52 6.04 -19.78
N ALA D 66 -17.71 6.11 -18.74
CA ALA D 66 -18.09 5.59 -17.42
C ALA D 66 -18.83 6.69 -16.66
N PHE D 67 -20.16 6.62 -16.67
CA PHE D 67 -20.98 7.65 -16.05
C PHE D 67 -20.82 7.66 -14.53
N SER D 68 -20.52 6.53 -13.91
CA SER D 68 -20.48 6.44 -12.46
C SER D 68 -19.31 7.19 -11.85
N SER D 69 -18.24 7.43 -12.62
CA SER D 69 -17.04 8.07 -12.12
C SER D 69 -16.95 9.56 -12.46
N PHE D 70 -18.03 10.15 -12.96
CA PHE D 70 -18.02 11.54 -13.37
C PHE D 70 -19.08 12.33 -12.61
N GLY D 71 -18.91 13.65 -12.62
CA GLY D 71 -19.84 14.59 -12.01
C GLY D 71 -20.60 15.35 -13.08
N MET D 72 -21.87 15.62 -12.79
CA MET D 72 -22.76 16.24 -13.76
C MET D 72 -22.98 17.72 -13.44
N HIS D 73 -23.09 18.52 -14.49
CA HIS D 73 -23.41 19.93 -14.40
C HIS D 73 -24.63 20.21 -15.26
N TRP D 74 -25.43 21.19 -14.85
CA TRP D 74 -26.55 21.68 -15.65
C TRP D 74 -26.28 23.13 -16.02
N VAL D 75 -26.44 23.46 -17.29
CA VAL D 75 -26.18 24.79 -17.81
C VAL D 75 -27.44 25.28 -18.53
N ARG D 76 -27.84 26.51 -18.22
CA ARG D 76 -29.02 27.12 -18.85
C ARG D 76 -28.57 28.14 -19.89
N GLN D 77 -29.27 28.18 -21.02
CA GLN D 77 -28.98 29.11 -22.10
C GLN D 77 -30.25 29.92 -22.35
N ALA D 78 -30.13 31.24 -22.18
CA ALA D 78 -31.26 32.13 -22.40
C ALA D 78 -31.67 32.11 -23.87
N PRO D 79 -32.94 32.39 -24.18
CA PRO D 79 -33.38 32.28 -25.58
C PRO D 79 -32.60 33.16 -26.55
N GLU D 80 -32.08 34.31 -26.11
CA GLU D 80 -31.39 35.18 -27.04
C GLU D 80 -29.88 34.98 -27.04
N LYS D 81 -29.20 35.27 -25.93
CA LYS D 81 -27.75 35.03 -25.84
C LYS D 81 -27.25 34.47 -24.52
N GLY D 82 -27.98 34.63 -23.41
CA GLY D 82 -27.37 34.46 -22.10
C GLY D 82 -27.05 33.01 -21.75
N LEU D 83 -26.09 32.88 -20.84
CA LEU D 83 -25.71 31.60 -20.25
C LEU D 83 -25.79 31.72 -18.73
N GLU D 84 -26.34 30.69 -18.10
CA GLU D 84 -26.44 30.67 -16.65
C GLU D 84 -26.25 29.27 -16.08
N TRP D 85 -25.51 29.19 -14.98
CA TRP D 85 -25.30 27.93 -14.29
C TRP D 85 -26.54 27.55 -13.49
N VAL D 86 -26.78 26.24 -13.37
CA VAL D 86 -28.00 25.77 -12.72
C VAL D 86 -27.67 24.93 -11.49
N ALA D 87 -27.00 23.80 -11.68
CA ALA D 87 -26.78 22.88 -10.58
C ALA D 87 -25.60 21.98 -10.88
N TYR D 88 -25.07 21.36 -9.83
CA TYR D 88 -23.96 20.43 -9.92
C TYR D 88 -24.19 19.25 -8.98
N ILE D 89 -23.83 18.07 -9.44
CA ILE D 89 -23.83 16.87 -8.61
C ILE D 89 -22.51 16.14 -8.80
N SER D 90 -21.92 15.71 -7.69
CA SER D 90 -20.60 15.11 -7.71
C SER D 90 -20.65 13.66 -8.19
N SER D 91 -19.48 13.06 -8.34
CA SER D 91 -19.39 11.67 -8.78
C SER D 91 -20.02 10.73 -7.77
N GLY D 92 -19.75 10.94 -6.48
CA GLY D 92 -20.31 10.11 -5.44
C GLY D 92 -21.67 10.54 -4.93
N SER D 93 -22.26 11.59 -5.52
CA SER D 93 -23.56 12.13 -5.13
C SER D 93 -23.59 12.54 -3.66
N GLY D 94 -22.45 12.90 -3.10
CA GLY D 94 -22.40 13.32 -1.70
C GLY D 94 -22.31 14.82 -1.55
N THR D 95 -22.17 15.54 -2.65
CA THR D 95 -22.06 16.99 -2.63
C THR D 95 -23.04 17.58 -3.64
N ILE D 96 -23.83 18.56 -3.21
CA ILE D 96 -24.86 19.16 -4.04
C ILE D 96 -24.78 20.67 -3.90
N TYR D 97 -24.89 21.38 -5.01
CA TYR D 97 -24.91 22.84 -5.04
C TYR D 97 -26.11 23.32 -5.85
N TYR D 98 -26.47 24.58 -5.65
CA TYR D 98 -27.58 25.18 -6.37
C TYR D 98 -27.30 26.66 -6.58
N ALA D 99 -28.01 27.24 -7.55
CA ALA D 99 -27.90 28.67 -7.83
C ALA D 99 -28.83 29.47 -6.92
N ASP D 100 -28.60 30.78 -6.87
CA ASP D 100 -29.43 31.65 -6.04
C ASP D 100 -30.88 31.66 -6.50
N THR D 101 -31.11 31.68 -7.81
CA THR D 101 -32.47 31.68 -8.35
C THR D 101 -33.03 30.27 -8.53
N VAL D 102 -32.26 29.24 -8.17
CA VAL D 102 -32.69 27.86 -8.36
C VAL D 102 -32.98 27.14 -7.05
N LYS D 103 -32.31 27.51 -5.95
CA LYS D 103 -32.46 26.80 -4.69
C LYS D 103 -33.91 26.80 -4.22
N GLY D 104 -34.36 25.65 -3.73
CA GLY D 104 -35.70 25.51 -3.20
C GLY D 104 -36.78 25.19 -4.20
N ARG D 105 -36.45 25.09 -5.49
CA ARG D 105 -37.42 24.81 -6.53
C ARG D 105 -37.08 23.59 -7.37
N PHE D 106 -35.80 23.40 -7.70
CA PHE D 106 -35.36 22.34 -8.60
C PHE D 106 -34.52 21.32 -7.84
N THR D 107 -34.64 20.06 -8.21
CA THR D 107 -33.84 19.00 -7.61
C THR D 107 -33.14 18.19 -8.69
N ILE D 108 -31.98 17.65 -8.33
CA ILE D 108 -31.09 16.96 -9.25
C ILE D 108 -30.83 15.55 -8.71
N SER D 109 -30.69 14.59 -9.61
CA SER D 109 -30.34 13.23 -9.21
C SER D 109 -29.70 12.52 -10.39
N ARG D 110 -29.02 11.41 -10.12
CA ARG D 110 -28.48 10.58 -11.17
C ARG D 110 -28.59 9.12 -10.76
N ASP D 111 -28.73 8.25 -11.74
CA ASP D 111 -28.93 6.82 -11.52
C ASP D 111 -27.74 6.12 -12.16
N ASP D 112 -26.75 5.76 -11.34
CA ASP D 112 -25.49 5.25 -11.86
C ASP D 112 -25.61 3.96 -12.67
N PRO D 113 -26.33 2.92 -12.20
CA PRO D 113 -26.44 1.71 -13.05
C PRO D 113 -27.07 1.97 -14.41
N LYS D 114 -28.01 2.90 -14.51
CA LYS D 114 -28.67 3.19 -15.78
C LYS D 114 -27.99 4.30 -16.58
N ASN D 115 -26.97 4.94 -16.04
CA ASN D 115 -26.23 6.00 -16.74
C ASN D 115 -27.16 7.12 -17.19
N THR D 116 -27.91 7.68 -16.25
CA THR D 116 -28.90 8.70 -16.58
C THR D 116 -28.88 9.80 -15.53
N LEU D 117 -29.18 11.01 -15.97
CA LEU D 117 -29.27 12.19 -15.13
C LEU D 117 -30.68 12.77 -15.20
N PHE D 118 -31.26 13.02 -14.02
CA PHE D 118 -32.63 13.51 -13.88
C PHE D 118 -32.62 14.87 -13.20
N LEU D 119 -33.45 15.77 -13.70
CA LEU D 119 -33.63 17.11 -13.14
C LEU D 119 -35.12 17.42 -13.10
N GLN D 120 -35.56 18.08 -12.03
CA GLN D 120 -36.98 18.34 -11.81
C GLN D 120 -37.27 19.83 -11.90
N MET D 121 -38.20 20.19 -12.79
CA MET D 121 -38.71 21.55 -12.91
C MET D 121 -40.04 21.63 -12.16
N THR D 122 -40.07 22.38 -11.07
CA THR D 122 -41.26 22.49 -10.23
C THR D 122 -41.56 23.97 -10.02
N SER D 123 -42.83 24.35 -10.22
CA SER D 123 -43.27 25.73 -10.06
C SER D 123 -42.44 26.68 -10.92
N LEU D 124 -42.19 26.28 -12.16
CA LEU D 124 -41.40 27.09 -13.08
C LEU D 124 -42.14 28.39 -13.40
N ARG D 125 -41.36 29.44 -13.60
CA ARG D 125 -41.88 30.78 -13.85
C ARG D 125 -41.65 31.18 -15.32
N SER D 126 -42.10 32.38 -15.66
CA SER D 126 -41.99 32.84 -17.04
C SER D 126 -40.53 33.05 -17.46
N GLU D 127 -39.70 33.54 -16.54
CA GLU D 127 -38.31 33.83 -16.87
C GLU D 127 -37.47 32.57 -17.05
N ASP D 128 -38.00 31.40 -16.75
CA ASP D 128 -37.24 30.16 -16.83
C ASP D 128 -37.26 29.54 -18.22
N THR D 129 -37.97 30.13 -19.18
CA THR D 129 -37.95 29.63 -20.54
C THR D 129 -36.54 29.72 -21.14
N ALA D 130 -36.00 28.58 -21.56
CA ALA D 130 -34.60 28.51 -21.95
C ALA D 130 -34.25 27.16 -22.54
N MET D 131 -32.98 26.97 -22.93
CA MET D 131 -32.55 25.72 -23.54
C MET D 131 -31.38 25.17 -22.74
N TYR D 132 -31.40 23.87 -22.47
CA TYR D 132 -30.61 23.29 -21.38
C TYR D 132 -29.51 22.36 -21.88
N TYR D 133 -28.40 22.31 -21.11
CA TYR D 133 -27.29 21.41 -21.33
C TYR D 133 -27.01 20.62 -20.06
N CYS D 134 -26.62 19.36 -20.23
CA CYS D 134 -26.02 18.56 -19.16
C CYS D 134 -24.60 18.21 -19.57
N VAL D 135 -23.64 18.46 -18.67
CA VAL D 135 -22.22 18.48 -19.00
C VAL D 135 -21.48 17.54 -18.06
N ARG D 136 -20.52 16.80 -18.60
CA ARG D 136 -19.65 15.93 -17.83
C ARG D 136 -18.45 16.71 -17.28
N SER D 137 -17.99 16.31 -16.10
CA SER D 137 -16.85 16.96 -15.48
C SER D 137 -16.19 16.01 -14.50
N ILE D 138 -14.85 15.93 -14.57
CA ILE D 138 -14.07 15.12 -13.64
C ILE D 138 -13.01 16.01 -13.02
N TYR D 139 -12.76 15.82 -11.73
CA TYR D 139 -11.90 16.70 -10.94
C TYR D 139 -10.76 15.90 -10.33
N TYR D 140 -9.56 16.07 -10.86
CA TYR D 140 -8.32 15.58 -10.25
C TYR D 140 -7.17 16.35 -10.87
N TYR D 141 -5.96 16.04 -10.45
CA TYR D 141 -4.80 16.79 -10.90
C TYR D 141 -4.60 16.62 -12.40
N GLY D 142 -4.41 17.75 -13.09
CA GLY D 142 -4.23 17.72 -14.53
C GLY D 142 -5.43 17.24 -15.29
N SER D 143 -6.62 17.69 -14.91
CA SER D 143 -7.86 17.27 -15.55
C SER D 143 -8.32 18.31 -16.57
N SER D 144 -9.32 17.91 -17.36
CA SER D 144 -9.94 18.78 -18.35
C SER D 144 -11.45 18.75 -18.17
N PRO D 145 -11.96 19.40 -17.14
CA PRO D 145 -13.41 19.40 -16.90
C PRO D 145 -14.13 20.28 -17.90
N PHE D 146 -15.44 20.02 -18.05
CA PHE D 146 -16.30 20.73 -19.00
C PHE D 146 -15.81 20.56 -20.43
N ASP D 147 -15.17 19.43 -20.73
CA ASP D 147 -14.59 19.23 -22.05
C ASP D 147 -15.65 18.94 -23.09
N PHE D 148 -16.63 18.09 -22.76
CA PHE D 148 -17.65 17.67 -23.70
C PHE D 148 -19.03 18.15 -23.24
N TRP D 149 -19.78 18.72 -24.19
CA TRP D 149 -21.11 19.24 -23.93
C TRP D 149 -22.09 18.56 -24.86
N GLY D 150 -23.28 18.27 -24.34
CA GLY D 150 -24.29 17.53 -25.08
C GLY D 150 -25.15 18.40 -25.97
N GLN D 151 -26.16 17.76 -26.56
CA GLN D 151 -27.10 18.43 -27.45
C GLN D 151 -28.29 18.91 -26.63
N GLY D 152 -28.61 20.20 -26.72
CA GLY D 152 -29.58 20.79 -25.84
C GLY D 152 -31.03 20.57 -26.25
N THR D 153 -31.93 20.86 -25.32
CA THR D 153 -33.37 20.82 -25.53
C THR D 153 -33.97 22.13 -25.06
N THR D 154 -34.96 22.62 -25.79
CA THR D 154 -35.58 23.91 -25.48
C THR D 154 -36.90 23.71 -24.74
N LEU D 155 -37.06 24.45 -23.64
CA LEU D 155 -38.29 24.44 -22.85
C LEU D 155 -38.87 25.85 -22.86
N THR D 156 -40.14 25.95 -23.23
CA THR D 156 -40.84 27.21 -23.34
C THR D 156 -41.97 27.27 -22.32
N VAL D 157 -42.35 28.49 -21.94
CA VAL D 157 -43.37 28.73 -20.93
C VAL D 157 -44.51 29.52 -21.57
N SER D 158 -45.55 29.76 -20.78
CA SER D 158 -46.73 30.52 -21.21
C SER D 158 -47.36 29.93 -22.47
N SER D 174 -19.99 39.49 -2.85
CA SER D 174 -21.14 38.64 -3.13
C SER D 174 -20.79 37.54 -4.13
N ASP D 175 -21.09 37.77 -5.40
CA ASP D 175 -20.80 36.82 -6.46
C ASP D 175 -19.87 37.46 -7.48
N ILE D 176 -18.99 36.64 -8.06
CA ILE D 176 -18.03 37.14 -9.03
C ILE D 176 -18.75 37.50 -10.32
N VAL D 177 -18.44 38.67 -10.86
CA VAL D 177 -19.04 39.15 -12.11
C VAL D 177 -17.94 39.28 -13.16
N MET D 178 -18.34 39.11 -14.42
CA MET D 178 -17.41 39.22 -15.54
C MET D 178 -18.02 40.14 -16.59
N THR D 179 -17.14 40.81 -17.34
CA THR D 179 -17.58 41.76 -18.35
C THR D 179 -16.77 41.56 -19.62
N GLN D 180 -17.43 41.68 -20.76
CA GLN D 180 -16.77 41.56 -22.06
C GLN D 180 -17.20 42.72 -22.96
N ALA D 181 -16.29 43.13 -23.83
CA ALA D 181 -16.51 44.21 -24.78
C ALA D 181 -15.36 44.22 -25.78
N THR D 182 -15.68 44.49 -27.04
CA THR D 182 -17.04 44.79 -27.49
C THR D 182 -17.65 43.55 -28.16
N SER D 183 -18.97 43.40 -28.04
CA SER D 183 -19.65 42.23 -28.59
C SER D 183 -19.56 42.12 -30.11
N SER D 184 -19.22 43.21 -30.80
CA SER D 184 -19.10 43.20 -32.26
C SER D 184 -17.69 43.63 -32.63
N VAL D 185 -16.98 42.76 -33.34
CA VAL D 185 -15.62 43.04 -33.77
C VAL D 185 -15.48 42.70 -35.26
N PRO D 186 -15.25 43.69 -36.13
CA PRO D 186 -15.05 43.38 -37.56
C PRO D 186 -13.67 42.79 -37.80
N VAL D 187 -13.64 41.55 -38.30
CA VAL D 187 -12.40 40.83 -38.52
C VAL D 187 -12.44 40.18 -39.90
N THR D 188 -11.26 39.92 -40.45
CA THR D 188 -11.11 39.28 -41.75
C THR D 188 -10.25 38.04 -41.61
N PRO D 189 -10.45 37.03 -42.45
CA PRO D 189 -9.65 35.80 -42.34
C PRO D 189 -8.18 36.07 -42.59
N GLY D 190 -7.34 35.29 -41.89
CA GLY D 190 -5.91 35.42 -42.03
C GLY D 190 -5.28 36.56 -41.27
N GLU D 191 -5.99 37.15 -40.31
CA GLU D 191 -5.47 38.26 -39.52
C GLU D 191 -5.68 37.95 -38.05
N SER D 192 -4.68 38.27 -37.23
CA SER D 192 -4.71 37.93 -35.82
C SER D 192 -5.74 38.77 -35.06
N VAL D 193 -6.36 38.14 -34.07
CA VAL D 193 -7.38 38.80 -33.26
C VAL D 193 -7.21 38.35 -31.82
N SER D 194 -7.55 39.24 -30.89
CA SER D 194 -7.48 38.96 -29.47
C SER D 194 -8.76 39.44 -28.79
N ILE D 195 -9.26 38.64 -27.85
CA ILE D 195 -10.47 38.95 -27.11
C ILE D 195 -10.16 38.86 -25.63
N SER D 196 -10.56 39.89 -24.89
CA SER D 196 -10.27 39.99 -23.46
C SER D 196 -11.58 40.10 -22.68
N CYS D 197 -11.57 39.58 -21.46
CA CYS D 197 -12.70 39.76 -20.55
C CYS D 197 -12.18 40.13 -19.16
N ARG D 198 -12.88 41.05 -18.51
CA ARG D 198 -12.49 41.58 -17.21
C ARG D 198 -13.24 40.89 -16.10
N SER D 199 -12.52 40.55 -15.02
CA SER D 199 -13.10 39.94 -13.84
C SER D 199 -12.97 40.89 -12.65
N SER D 200 -13.81 40.68 -11.64
CA SER D 200 -13.83 41.56 -10.49
C SER D 200 -12.72 41.20 -9.50
N LYS D 201 -12.75 39.99 -8.97
CA LYS D 201 -11.77 39.53 -7.99
C LYS D 201 -10.64 38.80 -8.69
N SER D 202 -9.44 38.90 -8.11
CA SER D 202 -8.28 38.21 -8.66
C SER D 202 -8.47 36.70 -8.60
N LEU D 203 -8.14 36.03 -9.70
CA LEU D 203 -8.28 34.58 -9.81
C LEU D 203 -7.02 33.83 -9.39
N LEU D 204 -5.94 34.54 -9.07
CA LEU D 204 -4.67 33.89 -8.75
C LEU D 204 -4.73 33.35 -7.33
N HIS D 205 -4.89 32.03 -7.22
CA HIS D 205 -4.89 31.37 -5.92
C HIS D 205 -3.47 31.19 -5.41
N SER D 206 -3.35 30.92 -4.11
CA SER D 206 -2.04 30.73 -3.50
C SER D 206 -1.33 29.48 -4.00
N ASN D 207 -2.04 28.58 -4.67
CA ASN D 207 -1.44 27.35 -5.19
C ASN D 207 -0.73 27.56 -6.52
N GLY D 208 -0.73 28.78 -7.05
CA GLY D 208 -0.12 29.02 -8.35
C GLY D 208 -1.00 28.72 -9.54
N ASN D 209 -2.29 28.49 -9.32
CA ASN D 209 -3.23 28.19 -10.39
C ASN D 209 -4.24 29.32 -10.53
N THR D 210 -4.80 29.42 -11.74
CA THR D 210 -5.80 30.44 -12.07
C THR D 210 -7.00 29.72 -12.69
N TYR D 211 -8.07 29.57 -11.90
CA TYR D 211 -9.24 28.80 -12.30
C TYR D 211 -10.08 29.64 -13.26
N LEU D 212 -9.75 29.53 -14.55
CA LEU D 212 -10.50 30.21 -15.60
C LEU D 212 -10.62 29.29 -16.80
N TYR D 213 -11.81 29.27 -17.40
CA TYR D 213 -12.11 28.40 -18.53
C TYR D 213 -12.66 29.24 -19.68
N TRP D 214 -12.50 28.72 -20.89
CA TRP D 214 -13.00 29.41 -22.08
C TRP D 214 -13.82 28.43 -22.92
N PHE D 215 -14.79 28.98 -23.63
CA PHE D 215 -15.69 28.17 -24.44
C PHE D 215 -16.02 28.91 -25.73
N LEU D 216 -16.24 28.13 -26.79
CA LEU D 216 -16.62 28.65 -28.09
C LEU D 216 -17.95 28.02 -28.49
N GLN D 217 -18.88 28.85 -28.96
CA GLN D 217 -20.19 28.39 -29.40
C GLN D 217 -20.34 28.69 -30.89
N ARG D 218 -20.34 27.64 -31.71
CA ARG D 218 -20.63 27.80 -33.12
C ARG D 218 -22.11 28.16 -33.31
N PRO D 219 -22.44 28.90 -34.37
CA PRO D 219 -23.84 29.27 -34.59
C PRO D 219 -24.70 28.07 -34.95
N GLY D 220 -25.58 27.67 -34.02
CA GLY D 220 -26.46 26.55 -34.24
C GLY D 220 -25.98 25.21 -33.72
N GLN D 221 -24.86 25.18 -33.01
CA GLN D 221 -24.31 23.94 -32.48
C GLN D 221 -23.93 24.13 -31.01
N SER D 222 -23.77 23.00 -30.32
CA SER D 222 -23.43 23.03 -28.90
C SER D 222 -22.02 23.60 -28.70
N PRO D 223 -21.81 24.36 -27.63
CA PRO D 223 -20.49 24.92 -27.37
C PRO D 223 -19.48 23.85 -26.97
N GLN D 224 -18.22 24.16 -27.21
CA GLN D 224 -17.12 23.26 -26.86
C GLN D 224 -16.02 24.06 -26.17
N LEU D 225 -15.26 23.36 -25.33
CA LEU D 225 -14.21 24.02 -24.56
C LEU D 225 -12.99 24.29 -25.43
N LEU D 226 -12.31 25.40 -25.14
CA LEU D 226 -11.08 25.76 -25.83
C LEU D 226 -9.88 25.73 -24.89
N ILE D 227 -9.93 26.48 -23.79
CA ILE D 227 -8.82 26.62 -22.86
C ILE D 227 -9.33 26.34 -21.46
N TYR D 228 -8.57 25.54 -20.70
CA TYR D 228 -8.86 25.27 -19.30
C TYR D 228 -7.69 25.75 -18.46
N ARG D 229 -8.01 26.41 -17.33
CA ARG D 229 -7.03 27.05 -16.45
C ARG D 229 -6.27 28.16 -17.14
N MET D 230 -6.78 28.63 -18.28
CA MET D 230 -6.26 29.78 -19.05
C MET D 230 -4.76 29.72 -19.30
N SER D 231 -4.15 28.55 -19.13
CA SER D 231 -2.73 28.37 -19.43
C SER D 231 -2.40 27.10 -20.20
N ASN D 232 -3.32 26.14 -20.29
CA ASN D 232 -3.08 24.90 -21.00
C ASN D 232 -3.86 24.92 -22.32
N LEU D 233 -3.83 23.80 -23.04
CA LEU D 233 -4.53 23.67 -24.31
C LEU D 233 -5.24 22.32 -24.34
N ALA D 234 -6.56 22.35 -24.51
CA ALA D 234 -7.34 21.12 -24.53
C ALA D 234 -7.08 20.34 -25.80
N SER D 235 -7.33 19.03 -25.73
CA SER D 235 -7.15 18.15 -26.86
C SER D 235 -8.16 18.47 -27.95
N GLY D 236 -7.76 18.22 -29.20
CA GLY D 236 -8.62 18.50 -30.34
C GLY D 236 -8.74 19.96 -30.69
N VAL D 237 -7.81 20.80 -30.24
CA VAL D 237 -7.83 22.23 -30.50
C VAL D 237 -6.55 22.59 -31.26
N PRO D 238 -6.65 23.33 -32.36
CA PRO D 238 -5.43 23.70 -33.10
C PRO D 238 -4.51 24.57 -32.26
N ASP D 239 -3.21 24.47 -32.55
CA ASP D 239 -2.20 25.20 -31.80
C ASP D 239 -2.27 26.70 -31.98
N ARG D 240 -3.04 27.19 -32.95
CA ARG D 240 -3.15 28.63 -33.17
C ARG D 240 -3.77 29.33 -31.96
N PHE D 241 -4.62 28.63 -31.21
CA PHE D 241 -5.26 29.23 -30.05
C PHE D 241 -4.25 29.46 -28.93
N SER D 242 -4.43 30.56 -28.20
CA SER D 242 -3.56 30.90 -27.08
C SER D 242 -4.26 31.91 -26.20
N GLY D 243 -4.09 31.78 -24.89
CA GLY D 243 -4.71 32.69 -23.94
C GLY D 243 -3.88 32.90 -22.70
N SER D 244 -3.76 34.14 -22.25
CA SER D 244 -2.94 34.47 -21.08
C SER D 244 -3.47 35.73 -20.42
N GLY D 245 -2.95 36.00 -19.23
CA GLY D 245 -3.32 37.21 -18.52
C GLY D 245 -2.79 37.20 -17.11
N SER D 246 -3.01 38.31 -16.42
CA SER D 246 -2.63 38.44 -15.02
C SER D 246 -3.70 37.79 -14.14
N GLY D 247 -3.64 38.05 -12.84
CA GLY D 247 -4.62 37.49 -11.93
C GLY D 247 -6.01 38.08 -12.07
N THR D 248 -6.16 39.19 -12.78
CA THR D 248 -7.45 39.87 -12.94
C THR D 248 -7.90 39.96 -14.39
N ALA D 249 -7.00 40.31 -15.31
CA ALA D 249 -7.35 40.49 -16.71
C ALA D 249 -6.91 39.28 -17.52
N PHE D 250 -7.76 38.86 -18.46
CA PHE D 250 -7.50 37.70 -19.30
C PHE D 250 -7.79 38.06 -20.75
N THR D 251 -6.92 37.59 -21.65
CA THR D 251 -7.02 37.90 -23.07
C THR D 251 -6.49 36.72 -23.88
N LEU D 252 -7.17 36.41 -24.98
CA LEU D 252 -6.72 35.38 -25.90
C LEU D 252 -5.66 35.93 -26.85
N THR D 253 -5.10 35.03 -27.65
CA THR D 253 -4.15 35.41 -28.71
C THR D 253 -4.36 34.42 -29.86
N ILE D 254 -5.20 34.82 -30.81
CA ILE D 254 -5.53 33.98 -31.95
C ILE D 254 -4.71 34.44 -33.15
N SER D 255 -4.01 33.49 -33.78
CA SER D 255 -3.16 33.78 -34.93
C SER D 255 -3.67 33.01 -36.14
N ARG D 256 -3.60 33.66 -37.31
CA ARG D 256 -4.06 33.09 -38.58
C ARG D 256 -5.54 32.67 -38.57
N LEU D 257 -6.40 33.57 -38.11
CA LEU D 257 -7.83 33.28 -38.00
C LEU D 257 -8.41 32.94 -39.36
N GLU D 258 -9.29 31.94 -39.39
CA GLU D 258 -9.90 31.48 -40.63
C GLU D 258 -11.43 31.46 -40.52
N ALA D 259 -12.09 30.93 -41.54
CA ALA D 259 -13.52 31.15 -41.76
C ALA D 259 -14.40 30.11 -41.05
N GLU D 260 -13.92 29.49 -39.98
CA GLU D 260 -14.75 28.59 -39.19
C GLU D 260 -14.82 28.96 -37.72
N ASP D 261 -13.80 29.63 -37.17
CA ASP D 261 -13.82 30.07 -35.78
C ASP D 261 -14.57 31.40 -35.72
N VAL D 262 -15.90 31.31 -35.83
CA VAL D 262 -16.77 32.48 -35.84
C VAL D 262 -17.78 32.46 -34.72
N GLY D 263 -17.80 31.42 -33.89
CA GLY D 263 -18.76 31.36 -32.80
C GLY D 263 -18.44 32.34 -31.69
N VAL D 264 -19.44 32.55 -30.83
CA VAL D 264 -19.28 33.49 -29.73
C VAL D 264 -18.36 32.88 -28.67
N TYR D 265 -17.57 33.74 -28.03
CA TYR D 265 -16.62 33.33 -27.01
C TYR D 265 -17.17 33.60 -25.62
N TYR D 266 -16.86 32.71 -24.69
CA TYR D 266 -17.28 32.84 -23.30
C TYR D 266 -16.11 32.56 -22.38
N CYS D 267 -15.99 33.32 -21.30
CA CYS D 267 -15.00 33.07 -20.27
C CYS D 267 -15.73 32.88 -18.94
N MET D 268 -15.32 31.84 -18.20
CA MET D 268 -16.00 31.42 -16.99
C MET D 268 -14.99 31.23 -15.87
N GLN D 269 -15.44 31.48 -14.64
CA GLN D 269 -14.60 31.36 -13.45
C GLN D 269 -15.00 30.15 -12.63
N HIS D 270 -14.00 29.47 -12.08
CA HIS D 270 -14.22 28.27 -11.27
C HIS D 270 -13.55 28.38 -9.90
N LEU D 271 -13.28 29.60 -9.43
CA LEU D 271 -12.60 29.77 -8.15
C LEU D 271 -13.47 29.27 -7.01
N GLU D 272 -14.75 29.62 -7.00
CA GLU D 272 -15.64 29.21 -5.94
C GLU D 272 -17.08 29.29 -6.42
N TYR D 273 -17.94 28.49 -5.81
CA TYR D 273 -19.35 28.49 -6.15
C TYR D 273 -20.01 29.80 -5.70
N PRO D 274 -21.04 30.27 -6.42
CA PRO D 274 -21.57 29.67 -7.66
C PRO D 274 -20.76 30.06 -8.90
N LEU D 275 -20.77 29.19 -9.90
CA LEU D 275 -20.10 29.49 -11.17
C LEU D 275 -20.91 30.52 -11.94
N THR D 276 -20.22 31.52 -12.49
CA THR D 276 -20.87 32.62 -13.21
C THR D 276 -20.27 32.76 -14.59
N PHE D 277 -21.14 33.00 -15.56
CA PHE D 277 -20.74 33.24 -16.94
C PHE D 277 -20.91 34.72 -17.28
N GLY D 278 -20.24 35.14 -18.35
CA GLY D 278 -20.31 36.51 -18.83
C GLY D 278 -21.04 36.62 -20.15
N ALA D 279 -21.27 37.87 -20.57
CA ALA D 279 -21.90 38.15 -21.84
C ALA D 279 -20.85 38.04 -22.95
N GLY D 280 -21.06 37.09 -23.85
CA GLY D 280 -20.05 36.78 -24.85
C GLY D 280 -19.97 37.83 -25.95
N THR D 281 -18.88 37.73 -26.72
CA THR D 281 -18.64 38.58 -27.87
C THR D 281 -18.54 37.72 -29.11
N LYS D 282 -19.24 38.12 -30.17
CA LYS D 282 -19.29 37.36 -31.41
C LYS D 282 -18.52 38.08 -32.50
N LEU D 283 -17.95 37.31 -33.42
CA LEU D 283 -17.19 37.84 -34.53
C LEU D 283 -18.09 37.98 -35.76
N GLU D 284 -17.50 38.45 -36.87
CA GLU D 284 -18.24 38.65 -38.11
C GLU D 284 -17.28 38.48 -39.28
N LEU D 285 -17.81 38.65 -40.49
CA LEU D 285 -17.08 38.41 -41.73
C LEU D 285 -17.11 39.63 -42.63
N LYS D 286 -16.79 40.79 -42.05
CA LYS D 286 -16.71 42.02 -42.84
C LYS D 286 -15.51 41.98 -43.79
N GLN E 46 -0.85 14.46 58.47
CA GLN E 46 0.31 14.45 57.59
C GLN E 46 0.26 13.27 56.63
N VAL E 47 -0.56 12.28 56.96
CA VAL E 47 -0.71 11.11 56.08
C VAL E 47 -1.44 11.50 54.80
N THR E 48 -2.17 12.61 54.81
CA THR E 48 -2.91 13.04 53.63
C THR E 48 -1.97 13.38 52.47
N LEU E 49 -0.77 13.91 52.77
CA LEU E 49 0.18 14.20 51.72
C LEU E 49 0.62 12.93 50.99
N THR E 50 0.98 11.90 51.76
CA THR E 50 1.37 10.63 51.14
C THR E 50 0.19 10.01 50.40
N LEU E 51 -1.00 10.13 50.98
CA LEU E 51 -2.22 9.57 50.39
C LEU E 51 -2.56 10.20 49.03
N VAL E 52 -2.43 11.52 48.93
CA VAL E 52 -2.69 12.20 47.66
C VAL E 52 -1.54 11.96 46.68
N CYS E 53 -0.31 11.84 47.19
CA CYS E 53 0.82 11.54 46.31
C CYS E 53 0.66 10.18 45.65
N LEU E 54 0.27 9.19 46.46
CA LEU E 54 0.05 7.83 45.97
C LEU E 54 -1.10 7.78 44.97
N ALA E 55 -2.18 8.51 45.26
CA ALA E 55 -3.33 8.57 44.35
C ALA E 55 -2.94 9.19 43.03
N GLY E 56 -2.18 10.28 43.06
CA GLY E 56 -1.71 10.89 41.82
C GLY E 56 -0.78 9.99 41.05
N LEU E 57 0.07 9.24 41.76
CA LEU E 57 0.95 8.28 41.10
C LEU E 57 0.15 7.20 40.40
N LEU E 58 -0.94 6.84 41.05
CA LEU E 58 -1.77 5.85 40.45
C LEU E 58 -2.26 6.39 39.16
N MET E 59 -2.97 7.46 39.32
CA MET E 59 -3.62 8.09 38.18
C MET E 59 -2.65 8.26 37.02
N LEU E 60 -1.43 8.70 37.31
CA LEU E 60 -0.42 8.85 36.26
C LEU E 60 -0.11 7.52 35.60
N LEU E 61 0.05 6.46 36.40
CA LEU E 61 0.34 5.14 35.85
C LEU E 61 -0.80 4.67 34.93
N THR E 62 -2.05 4.81 35.38
CA THR E 62 -3.15 4.29 34.57
C THR E 62 -3.33 5.10 33.29
N VAL E 63 -3.18 6.44 33.36
CA VAL E 63 -3.34 7.23 32.15
C VAL E 63 -2.18 6.97 31.19
N PHE E 64 -0.97 6.80 31.71
CA PHE E 64 0.17 6.49 30.85
C PHE E 64 -0.02 5.15 30.17
N GLY E 65 -0.46 4.14 30.91
CA GLY E 65 -0.72 2.84 30.29
C GLY E 65 -1.79 2.91 29.22
N ASN E 66 -2.89 3.62 29.50
CA ASN E 66 -3.98 3.72 28.54
C ASN E 66 -3.53 4.43 27.27
N VAL E 67 -2.84 5.56 27.41
CA VAL E 67 -2.40 6.28 26.22
C VAL E 67 -1.35 5.48 25.46
N LEU E 68 -0.50 4.74 26.17
CA LEU E 68 0.49 3.90 25.49
C LEU E 68 -0.18 2.80 24.69
N VAL E 69 -1.21 2.17 25.25
CA VAL E 69 -1.94 1.13 24.51
C VAL E 69 -2.62 1.74 23.29
N ILE E 70 -3.24 2.91 23.45
CA ILE E 70 -3.93 3.55 22.33
C ILE E 70 -2.95 3.91 21.23
N ILE E 71 -1.76 4.39 21.61
CA ILE E 71 -0.74 4.73 20.61
C ILE E 71 -0.26 3.46 19.90
N ALA E 72 -0.02 2.39 20.67
CA ALA E 72 0.53 1.17 20.10
C ALA E 72 -0.45 0.52 19.12
N VAL E 73 -1.73 0.47 19.49
CA VAL E 73 -2.71 -0.24 18.65
C VAL E 73 -2.85 0.46 17.29
N PHE E 74 -2.76 1.79 17.27
CA PHE E 74 -2.82 2.52 16.03
C PHE E 74 -1.43 2.64 15.41
N THR E 75 -1.40 3.06 14.14
CA THR E 75 -0.17 3.27 13.39
C THR E 75 0.72 2.02 13.41
N SER E 76 0.09 0.87 13.17
CA SER E 76 0.82 -0.39 13.12
C SER E 76 0.04 -1.34 12.22
N ARG E 77 0.55 -1.56 11.00
CA ARG E 77 -0.13 -2.44 10.06
C ARG E 77 -0.17 -3.88 10.57
N ALA E 78 0.94 -4.37 11.12
CA ALA E 78 0.99 -5.74 11.61
C ALA E 78 0.05 -5.96 12.78
N LEU E 79 0.00 -5.01 13.71
CA LEU E 79 -0.86 -5.15 14.91
C LEU E 79 -2.31 -4.95 14.51
N LYS E 80 -2.61 -4.07 13.56
CA LYS E 80 -4.00 -3.85 13.19
C LYS E 80 -4.80 -5.10 12.90
N ALA E 81 -5.93 -5.22 13.58
CA ALA E 81 -6.82 -6.37 13.44
C ALA E 81 -8.20 -5.96 13.93
N PRO E 82 -9.26 -6.59 13.40
CA PRO E 82 -10.61 -6.24 13.88
C PRO E 82 -10.81 -6.49 15.37
N GLN E 83 -10.15 -7.50 15.93
CA GLN E 83 -10.31 -7.82 17.33
C GLN E 83 -9.58 -6.85 18.26
N ASN E 84 -8.63 -6.08 17.74
CA ASN E 84 -7.86 -5.15 18.56
C ASN E 84 -8.65 -3.90 18.96
N LEU E 85 -9.56 -3.42 18.11
CA LEU E 85 -10.35 -2.24 18.45
C LEU E 85 -11.11 -2.43 19.76
N PHE E 86 -11.52 -3.67 20.06
CA PHE E 86 -12.14 -3.95 21.35
C PHE E 86 -11.28 -3.45 22.51
N LEU E 87 -9.98 -3.78 22.50
CA LEU E 87 -9.09 -3.29 23.55
C LEU E 87 -9.09 -1.77 23.60
N VAL E 88 -9.17 -1.13 22.42
CA VAL E 88 -9.25 0.33 22.38
C VAL E 88 -10.42 0.81 23.22
N SER E 89 -11.60 0.17 23.07
CA SER E 89 -12.74 0.54 23.88
C SER E 89 -12.44 0.34 25.36
N LEU E 90 -11.75 -0.75 25.71
CA LEU E 90 -11.35 -0.97 27.08
C LEU E 90 -10.46 0.18 27.57
N ALA E 91 -9.61 0.70 26.69
CA ALA E 91 -8.86 1.90 27.03
C ALA E 91 -9.72 3.15 26.92
N SER E 92 -10.66 3.16 25.96
CA SER E 92 -11.44 4.36 25.66
C SER E 92 -12.18 4.90 26.87
N ALA E 93 -12.55 4.04 27.82
CA ALA E 93 -13.08 4.50 29.10
C ALA E 93 -11.98 4.64 30.13
N ASP E 94 -11.07 3.67 30.18
CA ASP E 94 -10.02 3.67 31.21
C ASP E 94 -9.13 4.90 31.10
N ILE E 95 -9.12 5.55 29.94
CA ILE E 95 -8.30 6.75 29.77
C ILE E 95 -8.83 7.90 30.61
N LEU E 96 -10.17 8.02 30.74
CA LEU E 96 -10.74 9.20 31.39
C LEU E 96 -11.45 8.88 32.70
N VAL E 97 -11.75 7.60 32.96
CA VAL E 97 -12.51 7.24 34.15
C VAL E 97 -11.79 7.77 35.39
N ALA E 98 -10.48 7.56 35.45
CA ALA E 98 -9.69 8.10 36.55
C ALA E 98 -9.91 9.61 36.67
N THR E 99 -9.70 10.33 35.56
CA THR E 99 -9.80 11.78 35.59
C THR E 99 -11.21 12.26 35.91
N LEU E 100 -12.19 11.35 35.84
CA LEU E 100 -13.57 11.71 36.14
C LEU E 100 -14.08 11.08 37.43
N VAL E 101 -13.28 10.24 38.09
CA VAL E 101 -13.71 9.54 39.29
C VAL E 101 -12.75 9.75 40.45
N ILE E 102 -11.47 9.44 40.25
CA ILE E 102 -10.52 9.40 41.36
C ILE E 102 -10.38 10.74 42.08
N PRO E 103 -10.13 11.87 41.40
CA PRO E 103 -9.98 13.13 42.16
C PRO E 103 -11.17 13.47 43.03
N PHE E 104 -12.39 13.21 42.54
CA PHE E 104 -13.57 13.43 43.38
C PHE E 104 -13.56 12.52 44.60
N SER E 105 -13.09 11.28 44.44
CA SER E 105 -12.89 10.41 45.60
C SER E 105 -11.84 10.98 46.54
N LEU E 106 -10.84 11.68 45.99
CA LEU E 106 -9.91 12.42 46.84
C LEU E 106 -10.61 13.60 47.51
N ALA E 107 -11.61 14.18 46.84
CA ALA E 107 -12.38 15.25 47.47
C ALA E 107 -13.12 14.76 48.70
N ASN E 108 -13.69 13.56 48.62
CA ASN E 108 -14.40 12.97 49.75
C ASN E 108 -13.45 12.14 50.60
N GLU E 109 -13.97 11.61 51.66
CA GLU E 109 -13.16 10.81 52.54
C GLU E 109 -11.75 11.28 52.78
N VAL E 110 -11.59 12.58 52.92
CA VAL E 110 -10.38 13.18 53.47
C VAL E 110 -10.70 14.29 54.47
N MET E 111 -11.82 14.99 54.29
CA MET E 111 -12.24 16.02 55.22
C MET E 111 -13.64 15.77 55.78
N GLY E 112 -14.37 14.80 55.25
CA GLY E 112 -15.60 14.32 55.86
C GLY E 112 -16.89 14.81 55.24
N TYR E 113 -16.85 15.78 54.33
CA TYR E 113 -18.09 16.33 53.79
C TYR E 113 -17.92 16.55 52.29
N TRP E 114 -19.01 16.37 51.56
CA TRP E 114 -19.02 16.62 50.11
C TRP E 114 -19.03 18.13 49.87
N TYR E 115 -18.01 18.63 49.19
CA TYR E 115 -17.86 20.08 49.04
C TYR E 115 -19.05 20.68 48.29
N PHE E 116 -19.48 20.04 47.21
CA PHE E 116 -20.63 20.53 46.46
C PHE E 116 -21.92 20.18 47.17
N GLY E 117 -23.02 20.76 46.68
CA GLY E 117 -24.32 20.53 47.27
C GLY E 117 -24.93 19.20 46.83
N LYS E 118 -26.25 19.17 46.68
CA LYS E 118 -26.90 17.96 46.19
C LYS E 118 -26.42 17.62 44.79
N ALA E 119 -26.31 18.62 43.92
CA ALA E 119 -25.65 18.47 42.63
C ALA E 119 -24.15 18.70 42.79
N TRP E 120 -23.35 17.93 42.08
CA TRP E 120 -23.89 16.86 41.29
C TRP E 120 -23.25 15.70 42.02
N CYS E 121 -24.05 15.08 42.89
CA CYS E 121 -23.62 13.94 43.69
C CYS E 121 -24.27 12.71 43.10
N GLU E 122 -25.41 12.92 42.46
CA GLU E 122 -26.14 11.85 41.80
C GLU E 122 -25.53 11.50 40.45
N ILE E 123 -25.23 12.52 39.64
CA ILE E 123 -24.65 12.25 38.33
C ILE E 123 -23.23 11.71 38.49
N TYR E 124 -22.52 12.10 39.56
CA TYR E 124 -21.20 11.55 39.80
C TYR E 124 -21.27 10.06 40.10
N LEU E 125 -22.10 9.77 41.06
CA LEU E 125 -22.20 8.45 41.47
C LEU E 125 -22.66 7.73 40.33
N ALA E 126 -23.67 8.25 39.67
CA ALA E 126 -24.20 7.50 38.56
C ALA E 126 -23.17 7.43 37.55
N LEU E 127 -22.47 8.51 37.38
CA LEU E 127 -21.47 8.52 36.38
C LEU E 127 -20.45 7.53 36.76
N ASP E 128 -20.18 7.36 38.05
CA ASP E 128 -19.18 6.37 38.44
C ASP E 128 -19.66 5.09 37.88
N VAL E 129 -20.77 4.60 38.42
CA VAL E 129 -21.27 3.30 38.06
C VAL E 129 -21.25 3.13 36.55
N LEU E 130 -21.47 4.17 35.77
CA LEU E 130 -21.41 3.88 34.35
C LEU E 130 -20.03 3.69 33.94
N PHE E 131 -19.10 4.58 34.18
CA PHE E 131 -17.76 4.27 33.70
C PHE E 131 -17.20 2.98 34.21
N CYS E 132 -17.29 2.76 35.51
CA CYS E 132 -16.73 1.58 36.17
C CYS E 132 -17.32 0.25 35.73
N THR E 133 -18.63 0.23 35.58
CA THR E 133 -19.37 -0.96 35.21
C THR E 133 -18.94 -1.42 33.84
N SER E 134 -18.68 -0.48 32.95
CA SER E 134 -18.35 -0.85 31.62
C SER E 134 -17.05 -1.62 31.61
N SER E 135 -16.03 -1.16 32.31
CA SER E 135 -14.83 -1.94 32.21
C SER E 135 -15.03 -3.38 32.56
N ILE E 136 -15.63 -3.63 33.71
CA ILE E 136 -15.84 -4.99 34.11
C ILE E 136 -16.65 -5.69 33.04
N VAL E 137 -17.43 -4.87 32.32
CA VAL E 137 -18.31 -5.26 31.23
C VAL E 137 -17.67 -5.71 29.91
N HIS E 138 -16.66 -4.97 29.50
CA HIS E 138 -15.87 -5.28 28.32
C HIS E 138 -15.01 -6.48 28.51
N LEU E 139 -14.36 -6.46 29.66
CA LEU E 139 -13.34 -7.37 30.04
C LEU E 139 -13.91 -8.68 29.93
N CYS E 140 -15.22 -8.69 29.86
CA CYS E 140 -15.85 -9.87 29.49
C CYS E 140 -15.93 -10.07 28.07
N ALA E 141 -16.40 -9.13 27.30
CA ALA E 141 -16.57 -9.40 25.89
C ALA E 141 -15.33 -9.86 25.29
N ILE E 142 -14.15 -9.42 25.72
CA ILE E 142 -13.00 -10.02 25.03
C ILE E 142 -13.05 -11.50 25.30
N SER E 143 -12.97 -11.91 26.53
CA SER E 143 -12.91 -13.34 26.72
C SER E 143 -13.95 -14.07 25.87
N LEU E 144 -15.15 -13.50 25.80
CA LEU E 144 -16.22 -14.11 24.99
C LEU E 144 -15.84 -14.16 23.52
N ASP E 145 -15.19 -13.15 23.05
CA ASP E 145 -14.80 -13.31 21.69
C ASP E 145 -13.81 -14.43 21.49
N ARG E 146 -12.72 -14.47 22.23
CA ARG E 146 -11.72 -15.50 22.00
C ARG E 146 -12.32 -16.81 21.91
N TYR E 147 -13.11 -17.16 22.89
CA TYR E 147 -13.73 -18.47 22.84
C TYR E 147 -14.50 -18.51 21.56
N TRP E 148 -15.19 -17.46 21.17
CA TRP E 148 -15.86 -17.64 19.89
C TRP E 148 -14.86 -17.80 18.75
N SER E 149 -13.70 -17.14 18.85
CA SER E 149 -12.69 -17.26 17.81
C SER E 149 -12.01 -18.63 17.83
N ILE E 150 -11.64 -19.11 19.01
CA ILE E 150 -10.91 -20.37 19.10
C ILE E 150 -11.80 -21.55 18.72
N THR E 151 -13.05 -21.54 19.15
CA THR E 151 -13.99 -22.61 18.83
C THR E 151 -14.58 -22.39 17.44
N GLN E 152 -14.61 -23.46 16.65
CA GLN E 152 -15.11 -23.46 15.26
C GLN E 152 -14.65 -22.20 14.51
N ALA E 153 -13.33 -22.06 14.42
CA ALA E 153 -12.74 -20.84 13.88
C ALA E 153 -13.12 -20.63 12.42
N ILE E 154 -13.33 -21.72 11.67
CA ILE E 154 -13.64 -21.60 10.25
C ILE E 154 -14.95 -20.84 10.05
N GLU E 155 -15.98 -21.21 10.82
CA GLU E 155 -17.27 -20.56 10.68
C GLU E 155 -17.24 -19.13 11.21
N TYR E 156 -16.55 -18.91 12.33
CA TYR E 156 -16.55 -17.60 12.96
C TYR E 156 -15.71 -16.59 12.19
N ASN E 157 -14.69 -17.06 11.45
CA ASN E 157 -13.81 -16.15 10.74
C ASN E 157 -14.53 -15.39 9.64
N LEU E 158 -15.63 -15.94 9.10
CA LEU E 158 -16.39 -15.24 8.07
C LEU E 158 -17.19 -14.08 8.63
N LYS E 159 -17.46 -14.06 9.94
CA LYS E 159 -18.22 -13.00 10.57
C LYS E 159 -17.34 -11.91 11.17
N ARG E 160 -16.02 -12.03 11.04
CA ARG E 160 -15.10 -11.04 11.59
C ARG E 160 -15.05 -9.83 10.67
N THR E 161 -15.86 -8.82 10.98
CA THR E 161 -15.90 -7.58 10.22
C THR E 161 -15.91 -6.41 11.20
N PRO E 162 -15.36 -5.27 10.82
CA PRO E 162 -15.42 -4.09 11.71
C PRO E 162 -16.82 -3.67 12.05
N ARG E 163 -17.80 -3.90 11.15
CA ARG E 163 -19.18 -3.55 11.45
C ARG E 163 -19.70 -4.32 12.66
N ARG E 164 -19.29 -5.56 12.71
CA ARG E 164 -19.71 -6.33 13.79
C ARG E 164 -19.18 -5.66 15.00
N ILE E 165 -17.88 -5.59 15.08
CA ILE E 165 -17.16 -5.13 16.26
C ILE E 165 -17.78 -3.82 16.77
N LYS E 166 -18.06 -2.89 15.85
CA LYS E 166 -18.66 -1.62 16.25
C LYS E 166 -20.07 -1.82 16.80
N ALA E 167 -20.83 -2.76 16.22
CA ALA E 167 -22.15 -3.06 16.73
C ALA E 167 -22.08 -3.61 18.16
N ILE E 168 -21.11 -4.48 18.39
CA ILE E 168 -20.90 -5.05 19.71
C ILE E 168 -20.52 -3.95 20.71
N ILE E 169 -19.68 -3.02 20.27
CA ILE E 169 -19.23 -1.92 21.13
C ILE E 169 -20.41 -1.02 21.49
N ILE E 170 -21.23 -0.65 20.50
CA ILE E 170 -22.34 0.25 20.80
C ILE E 170 -23.38 -0.45 21.67
N THR E 171 -23.61 -1.73 21.41
CA THR E 171 -24.56 -2.52 22.17
C THR E 171 -24.16 -2.65 23.64
N VAL E 172 -22.87 -2.87 23.89
CA VAL E 172 -22.38 -2.99 25.26
C VAL E 172 -22.39 -1.63 25.95
N TRP E 173 -22.07 -0.56 25.22
CA TRP E 173 -22.14 0.77 25.81
C TRP E 173 -23.57 1.11 26.23
N VAL E 174 -24.55 0.81 25.36
CA VAL E 174 -25.92 1.18 25.70
C VAL E 174 -26.47 0.28 26.80
N ILE E 175 -26.05 -0.99 26.85
CA ILE E 175 -26.55 -1.85 27.92
C ILE E 175 -25.92 -1.48 29.25
N SER E 176 -24.70 -0.93 29.24
CA SER E 176 -24.13 -0.39 30.46
C SER E 176 -24.87 0.88 30.89
N ALA E 177 -25.15 1.77 29.93
CA ALA E 177 -25.81 3.03 30.25
C ALA E 177 -27.22 2.79 30.81
N VAL E 178 -27.96 1.86 30.21
CA VAL E 178 -29.36 1.66 30.61
C VAL E 178 -29.44 1.11 32.02
N ILE E 179 -28.45 0.33 32.44
CA ILE E 179 -28.43 -0.16 33.82
C ILE E 179 -27.78 0.86 34.76
N SER E 180 -27.03 1.82 34.23
CA SER E 180 -26.38 2.79 35.10
C SER E 180 -27.29 3.96 35.44
N PHE E 181 -27.81 4.66 34.43
CA PHE E 181 -28.40 5.97 34.67
C PHE E 181 -29.64 5.97 35.57
N PRO E 182 -30.49 4.94 35.60
CA PRO E 182 -31.59 4.96 36.58
C PRO E 182 -31.16 4.34 37.89
N PRO E 183 -31.46 4.99 39.03
CA PRO E 183 -32.10 6.31 39.12
C PRO E 183 -31.11 7.46 38.97
N LEU E 184 -31.56 8.61 38.48
CA LEU E 184 -32.95 8.81 38.08
C LEU E 184 -33.02 9.51 36.72
N ARG E 202 -22.27 15.21 52.02
CA ARG E 202 -22.57 13.89 52.57
C ARG E 202 -22.90 12.94 51.41
N CYS E 203 -22.08 12.99 50.37
CA CYS E 203 -22.30 12.15 49.21
C CYS E 203 -21.65 10.80 49.46
N GLU E 204 -22.48 9.76 49.43
CA GLU E 204 -22.00 8.39 49.64
C GLU E 204 -22.59 7.49 48.55
N ILE E 205 -22.48 6.20 48.77
CA ILE E 205 -22.95 5.28 47.83
C ILE E 205 -24.35 4.84 48.07
N ASN E 206 -25.07 4.56 47.01
CA ASN E 206 -26.49 4.27 47.17
C ASN E 206 -26.68 3.05 48.07
N ASP E 207 -27.80 3.04 48.79
CA ASP E 207 -28.11 1.96 49.73
C ASP E 207 -29.54 1.45 49.61
N GLN E 208 -30.23 1.73 48.50
CA GLN E 208 -31.58 1.23 48.33
C GLN E 208 -31.56 -0.26 48.00
N LYS E 209 -32.26 -1.05 48.81
CA LYS E 209 -32.15 -2.51 48.74
C LYS E 209 -32.57 -3.04 47.37
N TRP E 210 -33.53 -2.37 46.76
CA TRP E 210 -34.11 -2.79 45.51
C TRP E 210 -33.19 -2.64 44.39
N TYR E 211 -32.04 -2.13 44.74
CA TYR E 211 -31.08 -1.85 43.74
C TYR E 211 -29.80 -2.58 43.72
N VAL E 212 -29.04 -2.41 44.76
CA VAL E 212 -27.73 -2.97 44.74
C VAL E 212 -27.76 -4.44 44.51
N ILE E 213 -28.63 -5.13 45.21
CA ILE E 213 -28.68 -6.56 45.00
C ILE E 213 -29.02 -6.82 43.57
N SER E 214 -29.48 -5.80 42.89
CA SER E 214 -29.81 -5.97 41.54
C SER E 214 -28.63 -5.76 40.68
N SER E 215 -28.11 -4.54 40.58
CA SER E 215 -27.02 -4.27 39.66
C SER E 215 -25.78 -5.09 39.97
N CYS E 216 -25.55 -5.31 41.24
CA CYS E 216 -24.36 -6.01 41.71
C CYS E 216 -24.34 -7.34 41.02
N ILE E 217 -25.49 -7.96 40.92
CA ILE E 217 -25.56 -9.21 40.16
C ILE E 217 -25.35 -8.93 38.67
N GLY E 218 -26.09 -7.97 38.12
CA GLY E 218 -26.05 -7.74 36.68
C GLY E 218 -24.79 -7.04 36.20
N SER E 219 -24.03 -6.51 37.17
CA SER E 219 -22.78 -5.81 36.93
C SER E 219 -21.59 -6.77 36.97
N PHE E 220 -21.57 -7.69 37.94
CA PHE E 220 -20.47 -8.63 37.98
C PHE E 220 -20.75 -10.07 37.57
N PHE E 221 -21.57 -10.68 38.37
CA PHE E 221 -21.83 -12.05 38.30
C PHE E 221 -22.34 -12.39 36.93
N ALA E 222 -22.73 -11.35 36.17
CA ALA E 222 -23.20 -11.52 34.80
C ALA E 222 -22.01 -12.06 34.00
N PRO E 223 -20.85 -11.45 34.23
CA PRO E 223 -19.58 -11.94 33.63
C PRO E 223 -18.56 -12.84 34.35
N CYS E 224 -18.55 -12.98 35.67
CA CYS E 224 -17.43 -13.66 36.31
C CYS E 224 -17.74 -15.09 35.87
N LEU E 225 -19.02 -15.46 35.88
CA LEU E 225 -19.41 -16.78 35.39
C LEU E 225 -18.94 -17.01 33.96
N ILE E 226 -19.09 -16.00 33.10
CA ILE E 226 -18.64 -16.12 31.71
C ILE E 226 -17.12 -16.32 31.68
N MET E 227 -16.41 -15.39 32.24
CA MET E 227 -15.04 -15.61 32.01
C MET E 227 -14.63 -16.87 32.70
N ILE E 228 -15.03 -17.02 33.91
CA ILE E 228 -14.49 -18.21 34.50
C ILE E 228 -14.78 -19.34 33.56
N LEU E 229 -16.00 -19.41 33.07
CA LEU E 229 -16.32 -20.51 32.23
C LEU E 229 -15.52 -20.54 31.00
N VAL E 230 -15.41 -19.39 30.35
CA VAL E 230 -14.69 -19.28 29.10
C VAL E 230 -13.26 -19.72 29.30
N TYR E 231 -12.66 -19.34 30.42
CA TYR E 231 -11.32 -19.78 30.65
C TYR E 231 -11.14 -21.25 30.97
N VAL E 232 -11.99 -21.87 31.79
CA VAL E 232 -11.77 -23.29 32.03
C VAL E 232 -11.93 -23.99 30.74
N ARG E 233 -12.87 -23.53 29.93
CA ARG E 233 -13.10 -24.19 28.68
C ARG E 233 -11.85 -24.11 27.82
N ILE E 234 -11.21 -22.97 27.78
CA ILE E 234 -10.02 -22.84 27.00
C ILE E 234 -8.94 -23.75 27.54
N TYR E 235 -8.82 -23.88 28.82
CA TYR E 235 -7.81 -24.72 29.40
C TYR E 235 -8.08 -26.09 28.98
N GLN E 236 -9.36 -26.44 28.89
CA GLN E 236 -9.76 -27.78 28.51
C GLN E 236 -9.22 -28.04 27.13
N ILE E 237 -9.32 -27.03 26.29
CA ILE E 237 -8.80 -27.12 24.93
C ILE E 237 -7.33 -26.96 24.72
N ALA E 238 -6.59 -26.49 25.71
CA ALA E 238 -5.15 -26.39 25.54
C ALA E 238 -4.64 -27.67 26.08
N LYS E 239 -5.53 -28.47 26.61
CA LYS E 239 -5.07 -29.76 27.09
C LYS E 239 -5.32 -30.85 26.06
N ARG E 240 -6.48 -30.81 25.40
CA ARG E 240 -6.76 -31.76 24.33
C ARG E 240 -5.80 -31.58 23.17
N ARG E 241 -5.47 -30.33 22.84
CA ARG E 241 -4.63 -30.07 21.69
C ARG E 241 -3.15 -30.36 21.95
N THR E 242 -2.71 -30.56 23.15
CA THR E 242 -1.32 -30.91 23.17
C THR E 242 -0.98 -32.13 23.97
N ARG E 243 -1.68 -33.22 23.67
CA ARG E 243 -1.47 -34.49 24.37
C ARG E 243 -0.35 -35.30 23.71
N GLY E 379 10.35 -26.05 24.25
CA GLY E 379 9.54 -27.13 23.70
C GLY E 379 8.13 -27.15 24.25
N ARG E 380 7.40 -28.23 23.96
CA ARG E 380 6.04 -28.36 24.44
C ARG E 380 5.99 -28.45 25.96
N GLN E 381 6.94 -29.16 26.58
CA GLN E 381 6.97 -29.24 28.04
C GLN E 381 7.21 -27.87 28.66
N ASN E 382 8.08 -27.06 28.04
CA ASN E 382 8.35 -25.72 28.57
C ASN E 382 7.11 -24.84 28.50
N ARG E 383 6.38 -24.90 27.37
CA ARG E 383 5.17 -24.09 27.23
C ARG E 383 4.00 -24.65 28.03
N GLU E 384 4.09 -25.91 28.49
CA GLU E 384 3.03 -26.49 29.28
C GLU E 384 2.84 -25.72 30.60
N LYS E 385 3.94 -25.35 31.24
CA LYS E 385 3.87 -24.50 32.43
C LYS E 385 3.75 -23.02 32.09
N ARG E 386 3.89 -22.65 30.82
CA ARG E 386 3.78 -21.25 30.43
C ARG E 386 2.33 -20.86 30.21
N PHE E 387 1.60 -21.62 29.40
CA PHE E 387 0.23 -21.24 29.06
C PHE E 387 -0.72 -21.35 30.25
N THR E 388 -0.55 -22.35 31.10
CA THR E 388 -1.37 -22.44 32.30
C THR E 388 -1.09 -21.28 33.25
N PHE E 389 0.18 -20.86 33.36
CA PHE E 389 0.51 -19.69 34.17
C PHE E 389 -0.13 -18.43 33.61
N VAL E 390 -0.14 -18.26 32.29
CA VAL E 390 -0.81 -17.08 31.77
C VAL E 390 -2.23 -17.17 32.16
N LEU E 391 -2.89 -18.24 31.75
CA LEU E 391 -4.32 -18.30 31.99
C LEU E 391 -4.68 -18.05 33.45
N ALA E 392 -3.89 -18.61 34.37
CA ALA E 392 -4.12 -18.40 35.80
C ALA E 392 -3.96 -16.94 36.16
N VAL E 393 -2.94 -16.27 35.64
CA VAL E 393 -2.73 -14.85 35.93
C VAL E 393 -3.90 -14.03 35.40
N VAL E 394 -4.34 -14.32 34.17
CA VAL E 394 -5.43 -13.55 33.57
C VAL E 394 -6.71 -13.73 34.37
N ILE E 395 -7.01 -14.96 34.78
CA ILE E 395 -8.24 -15.19 35.53
C ILE E 395 -8.12 -14.69 36.97
N GLY E 396 -6.91 -14.57 37.51
CA GLY E 396 -6.75 -14.15 38.89
C GLY E 396 -6.74 -12.64 39.09
N VAL E 397 -6.14 -11.91 38.16
CA VAL E 397 -6.06 -10.45 38.31
C VAL E 397 -7.46 -9.85 38.38
N PHE E 398 -8.37 -10.31 37.52
CA PHE E 398 -9.72 -9.76 37.48
C PHE E 398 -10.54 -10.11 38.72
N VAL E 399 -10.20 -11.20 39.41
CA VAL E 399 -11.02 -11.69 40.51
C VAL E 399 -10.50 -11.21 41.87
N VAL E 400 -9.18 -11.26 42.09
CA VAL E 400 -8.63 -10.97 43.42
C VAL E 400 -9.01 -9.57 43.89
N CYS E 401 -9.16 -8.62 42.97
CA CYS E 401 -9.45 -7.24 43.33
C CYS E 401 -10.94 -6.96 43.44
N TRP E 402 -11.68 -7.13 42.39
CA TRP E 402 -13.02 -6.81 42.65
C TRP E 402 -13.71 -7.73 43.62
N PHE E 403 -13.67 -9.01 43.33
CA PHE E 403 -14.57 -9.92 44.02
C PHE E 403 -14.78 -9.57 45.49
N PRO E 404 -13.74 -9.29 46.30
CA PRO E 404 -14.00 -8.91 47.70
C PRO E 404 -14.86 -7.66 47.82
N PHE E 405 -14.64 -6.71 46.95
CA PHE E 405 -15.45 -5.55 47.02
C PHE E 405 -16.83 -6.02 46.84
N PHE E 406 -17.13 -6.44 45.65
CA PHE E 406 -18.50 -6.73 45.28
C PHE E 406 -19.18 -7.62 46.31
N PHE E 407 -18.45 -8.58 46.88
CA PHE E 407 -19.02 -9.44 47.90
C PHE E 407 -19.31 -8.75 49.23
N THR E 408 -18.64 -7.61 49.48
CA THR E 408 -18.88 -6.89 50.73
C THR E 408 -20.05 -5.95 50.43
N TYR E 409 -20.03 -5.37 49.24
CA TYR E 409 -21.06 -4.45 48.84
C TYR E 409 -22.41 -5.15 48.81
N THR E 410 -22.40 -6.42 48.40
CA THR E 410 -23.66 -7.16 48.27
C THR E 410 -24.07 -7.59 49.68
N LEU E 411 -23.11 -7.89 50.54
CA LEU E 411 -23.40 -8.40 51.87
C LEU E 411 -24.13 -7.37 52.74
N THR E 412 -24.06 -6.09 52.40
CA THR E 412 -24.73 -5.04 53.17
C THR E 412 -26.17 -4.83 52.74
N ALA E 413 -26.80 -5.85 52.17
CA ALA E 413 -28.20 -5.80 51.78
C ALA E 413 -29.07 -5.99 53.03
N VAL E 414 -30.34 -6.32 52.82
CA VAL E 414 -31.31 -6.53 53.90
C VAL E 414 -30.70 -7.40 55.00
N GLY E 415 -30.06 -8.49 54.61
CA GLY E 415 -29.26 -9.26 55.55
C GLY E 415 -27.82 -8.80 55.54
N CYS E 416 -27.45 -7.97 56.51
CA CYS E 416 -26.17 -7.29 56.52
C CYS E 416 -25.36 -7.67 57.76
N SER E 417 -24.19 -7.04 57.87
CA SER E 417 -23.28 -7.23 59.00
C SER E 417 -22.54 -5.94 59.23
N VAL E 418 -21.44 -6.00 59.98
CA VAL E 418 -20.66 -4.81 60.30
C VAL E 418 -19.26 -4.96 59.72
N PRO E 419 -19.01 -4.49 58.50
CA PRO E 419 -17.66 -4.52 57.95
C PRO E 419 -16.76 -3.50 58.65
N ARG E 420 -15.49 -3.80 58.61
CA ARG E 420 -14.54 -2.96 59.26
C ARG E 420 -14.48 -1.83 58.32
N THR E 421 -13.57 -0.90 58.58
CA THR E 421 -13.43 0.29 57.77
C THR E 421 -12.52 0.02 56.61
N LEU E 422 -11.87 -1.14 56.64
CA LEU E 422 -10.99 -1.47 55.58
C LEU E 422 -11.86 -1.43 54.33
N PHE E 423 -13.17 -1.52 54.50
CA PHE E 423 -14.08 -1.58 53.38
C PHE E 423 -13.62 -0.48 52.49
N LYS E 424 -13.23 0.64 53.06
CA LYS E 424 -12.69 1.71 52.24
C LYS E 424 -11.50 1.09 51.54
N PHE E 425 -10.88 0.11 52.17
CA PHE E 425 -9.75 -0.56 51.56
C PHE E 425 -10.20 -1.24 50.31
N PHE E 426 -11.37 -1.83 50.35
CA PHE E 426 -11.88 -2.51 49.19
C PHE E 426 -12.14 -1.59 48.05
N PHE E 427 -12.64 -0.43 48.39
CA PHE E 427 -13.02 0.47 47.35
C PHE E 427 -11.87 0.82 46.42
N TRP E 428 -10.74 1.29 46.88
CA TRP E 428 -9.73 1.56 45.93
C TRP E 428 -9.37 0.31 45.17
N PHE E 429 -9.28 -0.80 45.83
CA PHE E 429 -8.93 -1.98 45.05
C PHE E 429 -9.73 -2.01 43.76
N GLY E 430 -10.99 -1.62 43.87
CA GLY E 430 -11.88 -1.64 42.72
C GLY E 430 -11.17 -0.84 41.66
N TYR E 431 -10.51 0.26 42.02
CA TYR E 431 -9.80 0.94 40.99
C TYR E 431 -8.50 0.33 40.58
N CYS E 432 -7.65 -0.10 41.52
CA CYS E 432 -6.34 -0.46 41.01
C CYS E 432 -6.37 -1.52 39.94
N ASN E 433 -7.40 -2.31 39.96
CA ASN E 433 -7.59 -3.26 38.88
C ASN E 433 -7.67 -2.41 37.59
N SER E 434 -8.37 -1.26 37.62
CA SER E 434 -8.50 -0.50 36.43
C SER E 434 -7.24 -0.13 35.80
N SER E 435 -6.27 0.33 36.56
CA SER E 435 -5.00 0.73 36.00
C SER E 435 -4.30 -0.47 35.38
N LEU E 436 -4.58 -1.65 35.89
CA LEU E 436 -3.91 -2.86 35.37
C LEU E 436 -4.12 -3.49 33.95
N ASN E 437 -5.32 -3.43 33.46
CA ASN E 437 -5.70 -4.11 32.29
C ASN E 437 -4.84 -3.84 31.20
N PRO E 438 -4.42 -2.59 31.07
CA PRO E 438 -3.58 -2.18 29.93
C PRO E 438 -2.33 -3.04 29.92
N VAL E 439 -1.74 -3.30 31.06
CA VAL E 439 -0.58 -4.19 31.06
C VAL E 439 -0.85 -5.64 30.93
N ILE E 440 -1.79 -6.13 31.73
CA ILE E 440 -2.05 -7.55 31.84
C ILE E 440 -2.41 -8.16 30.51
N TYR E 441 -3.06 -7.38 29.66
CA TYR E 441 -3.50 -7.93 28.37
C TYR E 441 -2.47 -7.78 27.31
N THR E 442 -1.79 -6.67 27.32
CA THR E 442 -0.80 -6.46 26.27
C THR E 442 0.61 -7.04 26.29
N ILE E 443 1.18 -7.28 27.47
CA ILE E 443 2.55 -7.79 27.55
C ILE E 443 2.67 -9.24 27.14
N PHE E 444 1.55 -9.92 26.91
CA PHE E 444 1.57 -11.33 26.50
C PHE E 444 1.29 -11.64 25.03
N ASN E 445 1.40 -10.63 24.19
CA ASN E 445 1.17 -10.77 22.78
C ASN E 445 2.29 -9.94 22.24
N HIS E 446 3.36 -10.60 21.82
CA HIS E 446 4.49 -9.83 21.33
C HIS E 446 4.17 -8.81 20.25
N ASP E 447 3.39 -9.07 19.22
CA ASP E 447 3.22 -7.86 18.41
C ASP E 447 3.12 -6.63 19.29
N PHE E 448 2.37 -6.72 20.39
CA PHE E 448 2.26 -5.59 21.30
C PHE E 448 3.60 -5.26 21.94
N ARG E 449 4.37 -6.29 22.12
CA ARG E 449 5.60 -5.98 22.69
C ARG E 449 6.34 -5.17 21.71
N ARG E 450 6.54 -5.80 20.57
CA ARG E 450 7.33 -5.15 19.53
C ARG E 450 6.92 -3.70 19.34
N ALA E 451 5.61 -3.43 19.37
CA ALA E 451 5.14 -2.06 19.24
C ALA E 451 5.62 -1.20 20.41
N PHE E 452 5.58 -1.75 21.63
CA PHE E 452 6.05 -1.01 22.80
C PHE E 452 7.54 -0.72 22.68
N LYS E 453 8.33 -1.72 22.24
CA LYS E 453 9.76 -1.50 22.06
C LYS E 453 10.02 -0.43 21.02
N LYS E 454 9.28 -0.45 19.91
CA LYS E 454 9.47 0.55 18.87
C LYS E 454 9.11 1.95 19.36
N ILE E 455 8.00 2.08 20.08
CA ILE E 455 7.56 3.41 20.51
C ILE E 455 8.45 3.94 21.63
N LEU E 456 8.97 3.06 22.49
CA LEU E 456 9.78 3.48 23.63
C LEU E 456 11.27 3.55 23.32
N CYS E 457 11.68 3.16 22.11
CA CYS E 457 13.10 3.22 21.74
C CYS E 457 13.26 3.71 20.30
OAC E5E F . -22.92 -0.34 42.81
CAJ E5E F . -21.94 -0.09 41.82
CAG E5E F . -20.89 0.65 42.20
CAI E5E F . -22.06 -0.60 40.57
OAB E5E F . -23.18 -1.42 40.19
CAE E5E F . -21.07 -0.35 39.64
CAF E5E F . -20.02 0.39 39.99
CAK E5E F . -19.91 0.91 41.30
CAL E5E F . -18.74 1.72 41.70
OAD E5E F . -18.32 1.07 42.85
CAH E5E F . -17.53 1.57 40.70
NAA E5E F . -16.38 2.42 41.14
#